data_8FAZ
#
_entry.id   8FAZ
#
_cell.length_a   1.00
_cell.length_b   1.00
_cell.length_c   1.00
_cell.angle_alpha   90.00
_cell.angle_beta   90.00
_cell.angle_gamma   90.00
#
_symmetry.space_group_name_H-M   'P 1'
#
loop_
_entity.id
_entity.type
_entity.pdbx_description
1 polymer 'DNA repair protein RAD51 homolog 2'
2 polymer 'DNA repair protein RAD51 homolog 3'
3 polymer 'DNA repair protein RAD51 homolog 4'
4 polymer 'DNA repair protein XRCC2'
5 non-polymer "ADENOSINE-5'-DIPHOSPHATE"
6 non-polymer 'PHOSPHOAMINOPHOSPHONIC ACID-ADENYLATE ESTER'
7 non-polymer 'MAGNESIUM ION'
#
loop_
_entity_poly.entity_id
_entity_poly.type
_entity_poly.pdbx_seq_one_letter_code
_entity_poly.pdbx_strand_id
1 'polypeptide(L)'
;MGSKKLKRVGLSQELCDRLSRHQILTCQDFLCLSPLELMKVTGLSYRGVHELLCMVSRACAPKMQTAYGIKAQRSADFSP
AFLSTTLSALDEALHGGVACGSLTEITGPPGCGKTQFCIMMSILATLPTNMGGLEGAVVYIDTESAFSAERLVEIAESRF
PRYFNTEEKLLLTSSKVHLYRELTCDEVLQRIESLEEEIISKGIKLVILDSVASVVRKEFDAQLQGNLKERNKFLAREAS
SLKYLAEEFSIPVILTNQITTHLSGALASQADLVSPADDLSLSEGTSGSSCVIAALGNTWSHSVNTRLILQYLDSERRQI
LIAKSPLAPFTSFVYTIKEEGLVLQAYGNSHHHHHH
;
B
2 'polypeptide(L)'
;MRGKTFRFEMQRDLVSFPLSPAVRVKLVSAGFQTAEELLEVKPSELSKEVGISKAEALETLQIIRRECLTNKPRYAGTSE
SHKKCTALELLEQEHTQGFIITFCSALDDILGGGVPLMKTTEICGAPGVGKTQLCMQLAVDVQIPECFGGVAGEAVFIDT
EGSFMVDRVVDLATACIQHLQLIAEKHKGEEHRKALEDFTLDNILSHIYYFRCRDYTELLAQVYLLPDFLSEHSKVRLVI
VDGIAFPFRHDLDDLSLRTRLLNGLAQQMISLANNHRLAVILTNQMTTKIDRNQALLVPALGESWGHAATIRLIFHWDRK
QRLATLYKSPSQKECTVLFQIKPQGFRDTVVTSACSLQTEGSLSTRKRSRDPEEEL
;
C
3 'polypeptide(L)'
;MGVLRVGLCPGLTEEMIQLLRSHRIKTVVDLVSADLEEVAQKCGLSYKALVALRRVLLAQFSAFPVNGADLYEELKTSTA
ILSTGIGSLDKLLDAGLYTGEVTEIVGGPGSGKTQVCLCMAANVAHGLQQNVLYVDSNGGLTASRLLQLLQAKTQDEEEQ
AEALRRIQVVHAFDIFQMLDVLQELRGTVAQQVTGSSGTVKVVVVDSVTAVVSPLLGGQQREGLALMMQLARELKTLARD
LGMAVVVTNHITRDRDSGRLKPALGRSWSFVPSTRILLDTIEGAGASGGRRMACLAKSSRQPTGFQEMVDIGTWGTSEQS
ATLQGDQT
;
D
4 'polypeptide(L)'
;MCSAFHRAESGTELLARLEGRSSLKEIEPNLFADEDSPVHGDILEFHGPEGTGKTEMLYHLTARCILPKSEGGLEVEVLF
IDTDYHFDMLRLVTILEHRLSQSSEEIIKYCLGRFFLVYCSSSTHLLLTLYSLESMFCSHPSLCLLILDSLSAFYWIDRV
NGGESVNLQESTLRKCSQCLEKLVNDYRLVLFATTQTIMQKASSSSEEPSHASRRLCDVDIDYRPYLCKAWQQLVKHRMF
FSKQDDSQSSNQFSLVSRCLKSNSLKKHFFIIGESGVEFCDYKDDDDK
;
X
#
# COMPACT_ATOMS: atom_id res chain seq x y z
N SER A 3 33.37 6.40 -0.15
CA SER A 3 34.66 6.59 0.49
C SER A 3 35.23 5.26 0.98
N LYS A 4 34.81 4.84 2.17
CA LYS A 4 35.26 3.58 2.74
C LYS A 4 34.73 2.41 1.93
N LYS A 5 35.56 1.39 1.77
CA LYS A 5 35.12 0.15 1.14
C LYS A 5 34.29 -0.67 2.13
N LEU A 6 33.57 -1.65 1.59
CA LEU A 6 32.75 -2.52 2.42
C LEU A 6 33.56 -3.65 3.06
N LYS A 7 34.80 -3.88 2.62
CA LYS A 7 35.66 -4.84 3.30
C LYS A 7 36.03 -4.34 4.70
N ARG A 8 36.23 -3.03 4.84
CA ARG A 8 36.65 -2.47 6.11
C ARG A 8 35.48 -2.03 6.98
N VAL A 9 34.26 -2.11 6.47
CA VAL A 9 33.10 -1.77 7.30
C VAL A 9 32.97 -2.75 8.46
N GLY A 10 33.13 -4.03 8.19
CA GLY A 10 32.97 -5.05 9.20
C GLY A 10 32.19 -6.24 8.69
N LEU A 11 31.78 -6.17 7.43
CA LEU A 11 31.01 -7.25 6.83
C LEU A 11 31.89 -8.49 6.63
N SER A 12 31.25 -9.65 6.58
CA SER A 12 31.95 -10.91 6.42
C SER A 12 32.41 -11.10 4.99
N GLN A 13 33.34 -12.04 4.80
CA GLN A 13 33.85 -12.34 3.47
C GLN A 13 32.75 -12.88 2.57
N GLU A 14 31.89 -13.74 3.12
CA GLU A 14 30.77 -14.27 2.34
C GLU A 14 29.82 -13.16 1.92
N LEU A 15 29.54 -12.22 2.83
CA LEU A 15 28.65 -11.12 2.50
C LEU A 15 29.29 -10.15 1.54
N CYS A 16 30.58 -9.85 1.72
CA CYS A 16 31.27 -8.97 0.79
C CYS A 16 31.34 -9.59 -0.60
N ASP A 17 31.60 -10.89 -0.67
CA ASP A 17 31.66 -11.57 -1.97
C ASP A 17 30.30 -11.56 -2.65
N ARG A 18 29.22 -11.72 -1.88
CA ARG A 18 27.90 -11.66 -2.47
C ARG A 18 27.57 -10.25 -2.95
N LEU A 19 28.14 -9.24 -2.29
CA LEU A 19 28.01 -7.87 -2.78
C LEU A 19 28.90 -7.63 -3.99
N SER A 20 30.11 -8.19 -3.99
CA SER A 20 31.04 -7.96 -5.09
C SER A 20 30.52 -8.50 -6.41
N ARG A 21 29.65 -9.50 -6.37
CA ARG A 21 29.04 -10.02 -7.59
C ARG A 21 28.08 -9.01 -8.20
N HIS A 22 27.57 -8.06 -7.42
CA HIS A 22 26.61 -7.07 -7.88
C HIS A 22 27.20 -5.67 -7.97
N GLN A 23 28.53 -5.58 -8.09
CA GLN A 23 29.23 -4.31 -8.24
C GLN A 23 28.93 -3.34 -7.09
N ILE A 24 29.03 -3.85 -5.86
CA ILE A 24 28.90 -3.03 -4.67
C ILE A 24 30.17 -3.21 -3.85
N LEU A 25 30.95 -2.13 -3.72
CA LEU A 25 32.20 -2.18 -2.98
C LEU A 25 32.38 -1.04 -2.00
N THR A 26 31.53 -0.01 -2.02
CA THR A 26 31.67 1.14 -1.16
C THR A 26 30.44 1.29 -0.29
N CYS A 27 30.57 2.10 0.77
CA CYS A 27 29.44 2.42 1.61
C CYS A 27 28.38 3.18 0.83
N GLN A 28 28.81 4.06 -0.08
CA GLN A 28 27.86 4.84 -0.87
C GLN A 28 26.97 3.94 -1.71
N ASP A 29 27.55 2.95 -2.38
CA ASP A 29 26.75 2.05 -3.19
C ASP A 29 25.81 1.22 -2.33
N PHE A 30 26.29 0.76 -1.17
CA PHE A 30 25.46 -0.03 -0.28
C PHE A 30 24.29 0.79 0.25
N LEU A 31 24.54 2.05 0.62
CA LEU A 31 23.50 2.88 1.22
C LEU A 31 22.49 3.32 0.17
N CYS A 32 22.94 3.58 -1.05
CA CYS A 32 22.03 4.05 -2.10
C CYS A 32 20.94 3.03 -2.39
N LEU A 33 21.26 1.74 -2.28
CA LEU A 33 20.25 0.72 -2.47
C LEU A 33 19.24 0.73 -1.33
N SER A 34 17.97 0.54 -1.67
CA SER A 34 16.93 0.47 -0.67
C SER A 34 17.07 -0.80 0.16
N PRO A 35 16.50 -0.83 1.37
CA PRO A 35 16.60 -2.05 2.18
C PRO A 35 16.01 -3.28 1.50
N LEU A 36 14.99 -3.09 0.66
CA LEU A 36 14.36 -4.24 0.00
C LEU A 36 15.28 -4.85 -1.05
N GLU A 37 15.88 -4.02 -1.91
CA GLU A 37 16.75 -4.54 -2.96
C GLU A 37 18.06 -5.08 -2.43
N LEU A 38 18.44 -4.72 -1.20
CA LEU A 38 19.60 -5.34 -0.56
C LEU A 38 19.29 -6.74 -0.03
N MET A 39 18.01 -7.05 0.17
CA MET A 39 17.66 -8.38 0.66
C MET A 39 17.97 -9.47 -0.35
N LYS A 40 18.08 -9.13 -1.62
CA LYS A 40 18.51 -10.08 -2.65
C LYS A 40 19.98 -9.92 -3.01
N VAL A 41 20.49 -8.69 -3.02
CA VAL A 41 21.90 -8.48 -3.32
C VAL A 41 22.77 -9.03 -2.20
N THR A 42 22.41 -8.73 -0.95
CA THR A 42 23.17 -9.20 0.20
C THR A 42 22.61 -10.47 0.79
N GLY A 43 21.56 -11.04 0.21
CA GLY A 43 20.87 -12.09 0.91
C GLY A 43 20.22 -11.54 2.16
N LEU A 44 20.09 -12.40 3.18
CA LEU A 44 19.55 -12.02 4.47
C LEU A 44 18.13 -11.46 4.37
N SER A 45 17.58 -10.99 5.48
CA SER A 45 16.18 -10.58 5.54
C SER A 45 16.11 -9.16 6.09
N TYR A 46 14.90 -8.60 6.06
CA TYR A 46 14.63 -7.33 6.71
C TYR A 46 14.89 -7.47 8.20
N ARG A 47 15.44 -6.40 8.79
CA ARG A 47 16.00 -6.36 10.14
C ARG A 47 17.31 -7.14 10.23
N GLY A 48 17.69 -7.84 9.18
CA GLY A 48 19.02 -8.42 9.09
C GLY A 48 19.86 -7.57 8.16
N VAL A 49 19.24 -7.10 7.07
CA VAL A 49 19.88 -6.08 6.24
C VAL A 49 19.94 -4.76 6.97
N HIS A 50 18.90 -4.45 7.76
CA HIS A 50 18.94 -3.25 8.59
C HIS A 50 20.07 -3.32 9.61
N GLU A 51 20.38 -4.52 10.09
CA GLU A 51 21.57 -4.66 10.93
C GLU A 51 22.82 -4.32 10.15
N LEU A 52 22.90 -4.74 8.89
CA LEU A 52 23.98 -4.29 8.02
C LEU A 52 23.85 -2.81 7.72
N LEU A 53 22.64 -2.36 7.40
CA LEU A 53 22.42 -0.95 7.10
C LEU A 53 22.79 -0.06 8.27
N CYS A 54 22.58 -0.54 9.51
CA CYS A 54 23.10 0.17 10.66
C CYS A 54 24.60 -0.03 10.82
N MET A 55 25.12 -1.19 10.42
CA MET A 55 26.56 -1.43 10.53
C MET A 55 27.32 -0.64 9.49
N VAL A 56 26.84 -0.62 8.24
CA VAL A 56 27.50 0.18 7.22
C VAL A 56 27.36 1.66 7.54
N SER A 57 26.22 2.07 8.11
CA SER A 57 26.05 3.46 8.50
C SER A 57 26.99 3.83 9.64
N ARG A 58 27.24 2.90 10.56
CA ARG A 58 28.09 3.18 11.70
C ARG A 58 29.53 3.44 11.30
N ALA A 59 29.91 3.12 10.07
CA ALA A 59 31.25 3.41 9.58
C ALA A 59 31.30 4.69 8.75
N CYS A 60 30.16 5.24 8.35
CA CYS A 60 30.13 6.43 7.51
C CYS A 60 29.06 7.40 7.99
N ALA A 61 28.96 7.60 9.30
CA ALA A 61 28.03 8.55 9.87
C ALA A 61 28.77 9.58 10.71
N PRO A 62 28.26 10.81 10.78
CA PRO A 62 28.98 11.85 11.54
C PRO A 62 28.97 11.56 13.04
N LYS A 63 29.99 12.08 13.70
CA LYS A 63 30.07 11.97 15.15
C LYS A 63 29.21 13.03 15.81
N MET A 64 28.35 12.61 16.73
CA MET A 64 27.51 13.55 17.45
C MET A 64 28.35 14.56 18.21
N GLN A 65 28.01 15.83 18.10
CA GLN A 65 28.69 16.91 18.80
C GLN A 65 27.67 17.73 19.56
N THR A 66 27.67 17.60 20.88
CA THR A 66 26.82 18.45 21.70
C THR A 66 27.21 19.91 21.49
N ALA A 67 26.20 20.77 21.35
CA ALA A 67 26.46 22.17 21.06
C ALA A 67 27.28 22.85 22.15
N TYR A 68 27.27 22.33 23.37
CA TYR A 68 28.18 22.84 24.38
C TYR A 68 29.61 22.51 24.03
N GLY A 69 29.86 21.31 23.52
CA GLY A 69 31.20 20.97 23.07
C GLY A 69 31.66 21.83 21.91
N ILE A 70 30.76 22.14 20.98
CA ILE A 70 31.12 23.01 19.87
C ILE A 70 31.48 24.39 20.37
N LYS A 71 30.72 24.91 21.33
CA LYS A 71 31.10 26.17 21.96
C LYS A 71 32.39 26.02 22.75
N ALA A 72 32.55 24.89 23.44
CA ALA A 72 33.79 24.64 24.18
C ALA A 72 34.99 24.52 23.25
N GLN A 73 34.82 23.80 22.14
CA GLN A 73 35.93 23.65 21.20
C GLN A 73 36.21 24.94 20.44
N ARG A 74 35.24 25.86 20.38
CA ARG A 74 35.45 27.15 19.75
C ARG A 74 36.15 28.14 20.67
N SER A 75 36.24 27.85 21.96
CA SER A 75 36.88 28.75 22.91
C SER A 75 38.40 28.65 22.80
N MET B 10 -6.96 -17.61 9.48
CA MET B 10 -6.36 -16.75 8.48
C MET B 10 -4.99 -17.27 8.06
N GLN B 11 -4.70 -17.21 6.76
CA GLN B 11 -3.41 -17.64 6.24
C GLN B 11 -2.65 -16.43 5.73
N ARG B 12 -1.44 -16.22 6.25
CA ARG B 12 -0.60 -15.09 5.89
C ARG B 12 0.47 -15.56 4.91
N ASP B 13 0.49 -14.97 3.72
CA ASP B 13 1.42 -15.38 2.69
C ASP B 13 2.86 -15.06 3.11
N LEU B 14 3.78 -15.96 2.77
CA LEU B 14 5.18 -15.78 3.12
C LEU B 14 5.80 -14.57 2.44
N VAL B 15 5.25 -14.12 1.31
CA VAL B 15 5.76 -12.91 0.68
C VAL B 15 5.50 -11.70 1.56
N SER B 16 4.37 -11.68 2.28
CA SER B 16 4.05 -10.56 3.16
C SER B 16 5.02 -10.44 4.32
N PHE B 17 5.76 -11.47 4.63
CA PHE B 17 6.68 -11.42 5.76
C PHE B 17 8.04 -10.90 5.32
N PRO B 18 8.76 -10.25 6.23
CA PRO B 18 10.11 -9.74 5.94
C PRO B 18 11.18 -10.83 5.96
N LEU B 19 10.89 -11.95 5.30
CA LEU B 19 11.82 -13.06 5.26
C LEU B 19 12.90 -12.81 4.23
N SER B 20 13.96 -13.60 4.31
CA SER B 20 15.02 -13.52 3.32
C SER B 20 14.49 -14.00 1.97
N PRO B 21 14.71 -13.25 0.89
CA PRO B 21 14.23 -13.71 -0.42
C PRO B 21 14.79 -15.06 -0.82
N ALA B 22 16.04 -15.36 -0.47
CA ALA B 22 16.58 -16.68 -0.70
C ALA B 22 15.81 -17.73 0.10
N VAL B 23 15.49 -17.42 1.35
CA VAL B 23 14.75 -18.36 2.19
C VAL B 23 13.31 -18.49 1.70
N ARG B 24 12.68 -17.38 1.33
CA ARG B 24 11.28 -17.43 0.92
C ARG B 24 11.09 -18.31 -0.30
N VAL B 25 12.00 -18.20 -1.27
CA VAL B 25 11.93 -19.06 -2.45
C VAL B 25 12.13 -20.52 -2.06
N LYS B 26 13.06 -20.78 -1.15
CA LYS B 26 13.26 -22.14 -0.67
C LYS B 26 12.04 -22.65 0.08
N LEU B 27 11.41 -21.78 0.87
CA LEU B 27 10.19 -22.18 1.58
C LEU B 27 9.07 -22.50 0.60
N VAL B 28 8.90 -21.67 -0.43
CA VAL B 28 7.85 -21.91 -1.41
C VAL B 28 8.14 -23.18 -2.20
N SER B 29 9.40 -23.36 -2.62
CA SER B 29 9.77 -24.57 -3.35
C SER B 29 9.57 -25.83 -2.52
N ALA B 30 9.62 -25.72 -1.19
CA ALA B 30 9.32 -26.84 -0.32
C ALA B 30 7.83 -26.98 -0.03
N GLY B 31 7.00 -26.09 -0.56
CA GLY B 31 5.58 -26.15 -0.41
C GLY B 31 5.01 -25.19 0.62
N PHE B 32 5.84 -24.66 1.50
CA PHE B 32 5.36 -23.70 2.50
C PHE B 32 5.04 -22.38 1.82
N GLN B 33 3.78 -21.94 1.96
CA GLN B 33 3.34 -20.69 1.37
C GLN B 33 2.57 -19.80 2.32
N THR B 34 2.22 -20.29 3.51
CA THR B 34 1.51 -19.49 4.50
C THR B 34 2.29 -19.53 5.81
N ALA B 35 2.05 -18.52 6.64
CA ALA B 35 2.72 -18.44 7.93
C ALA B 35 2.33 -19.61 8.84
N GLU B 36 1.06 -19.98 8.82
CA GLU B 36 0.57 -21.03 9.73
C GLU B 36 1.20 -22.38 9.44
N GLU B 37 1.69 -22.61 8.22
CA GLU B 37 2.41 -23.83 7.94
C GLU B 37 3.71 -23.91 8.72
N LEU B 38 4.45 -22.80 8.79
CA LEU B 38 5.76 -22.81 9.43
C LEU B 38 5.69 -22.75 10.95
N LEU B 39 4.54 -22.33 11.50
CA LEU B 39 4.44 -22.20 12.95
C LEU B 39 4.60 -23.55 13.65
N GLU B 40 3.99 -24.60 13.08
CA GLU B 40 4.08 -25.93 13.67
C GLU B 40 5.44 -26.59 13.45
N VAL B 41 6.29 -26.03 12.60
CA VAL B 41 7.57 -26.64 12.25
C VAL B 41 8.61 -26.22 13.27
N LYS B 42 9.43 -27.17 13.69
CA LYS B 42 10.55 -26.88 14.57
C LYS B 42 11.68 -26.21 13.81
N PRO B 43 12.54 -25.45 14.49
CA PRO B 43 13.62 -24.76 13.77
C PRO B 43 14.59 -25.70 13.06
N SER B 44 15.16 -26.66 13.77
CA SER B 44 16.10 -27.59 13.14
C SER B 44 15.42 -28.45 12.09
N GLU B 45 14.20 -28.91 12.38
CA GLU B 45 13.47 -29.70 11.39
C GLU B 45 13.08 -28.86 10.18
N LEU B 46 12.95 -27.54 10.36
CA LEU B 46 12.71 -26.67 9.21
C LEU B 46 13.90 -26.67 8.27
N SER B 47 15.12 -26.70 8.83
CA SER B 47 16.31 -26.73 7.99
C SER B 47 16.35 -28.00 7.15
N LYS B 48 15.99 -29.15 7.74
CA LYS B 48 16.00 -30.39 6.99
C LYS B 48 15.03 -30.37 5.84
N GLU B 49 13.84 -29.80 6.04
CA GLU B 49 12.78 -29.82 5.04
C GLU B 49 12.88 -28.69 4.03
N VAL B 50 13.74 -27.70 4.24
CA VAL B 50 13.81 -26.55 3.35
C VAL B 50 15.24 -26.38 2.84
N GLY B 51 16.21 -26.84 3.61
CA GLY B 51 17.60 -26.70 3.24
C GLY B 51 18.26 -25.41 3.71
N ILE B 52 17.50 -24.49 4.31
CA ILE B 52 18.10 -23.28 4.85
C ILE B 52 18.94 -23.62 6.08
N SER B 53 19.86 -22.72 6.40
CA SER B 53 20.75 -22.94 7.53
C SER B 53 19.98 -22.86 8.84
N LYS B 54 20.62 -23.32 9.92
CA LYS B 54 19.99 -23.29 11.24
C LYS B 54 19.67 -21.87 11.66
N ALA B 55 20.61 -20.94 11.44
CA ALA B 55 20.38 -19.54 11.79
C ALA B 55 19.24 -18.95 10.97
N GLU B 56 19.21 -19.23 9.67
CA GLU B 56 18.13 -18.73 8.83
C GLU B 56 16.80 -19.34 9.23
N ALA B 57 16.78 -20.66 9.51
CA ALA B 57 15.55 -21.29 9.96
C ALA B 57 15.09 -20.71 11.29
N LEU B 58 16.03 -20.48 12.21
CA LEU B 58 15.69 -19.86 13.48
C LEU B 58 15.18 -18.44 13.28
N GLU B 59 15.79 -17.71 12.35
CA GLU B 59 15.34 -16.35 12.06
C GLU B 59 14.02 -16.34 11.30
N THR B 60 13.81 -17.33 10.42
CA THR B 60 12.57 -17.40 9.66
C THR B 60 11.38 -17.65 10.57
N LEU B 61 11.49 -18.62 11.48
CA LEU B 61 10.41 -18.88 12.42
C LEU B 61 10.23 -17.70 13.37
N GLN B 62 11.32 -17.06 13.77
CA GLN B 62 11.22 -15.92 14.67
C GLN B 62 10.45 -14.78 14.02
N ILE B 63 10.70 -14.54 12.73
CA ILE B 63 10.01 -13.45 12.03
C ILE B 63 8.51 -13.70 12.01
N ILE B 64 8.11 -14.93 11.67
CA ILE B 64 6.69 -15.25 11.58
C ILE B 64 6.01 -15.15 12.94
N ARG B 65 6.65 -15.70 13.98
CA ARG B 65 6.03 -15.70 15.30
C ARG B 65 5.89 -14.29 15.86
N ARG B 66 6.86 -13.42 15.60
CA ARG B 66 6.77 -12.05 16.08
C ARG B 66 5.58 -11.32 15.45
N GLU B 67 5.36 -11.53 14.16
CA GLU B 67 4.26 -10.87 13.47
C GLU B 67 2.92 -11.52 13.82
N LYS B 83 0.83 0.67 18.48
CA LYS B 83 -0.38 0.19 19.13
C LYS B 83 -1.63 0.59 18.35
N LYS B 84 -2.73 -0.10 18.65
CA LYS B 84 -4.03 0.24 18.06
C LYS B 84 -4.74 1.26 18.95
N CYS B 85 -4.16 2.46 18.99
CA CYS B 85 -4.70 3.53 19.81
C CYS B 85 -5.88 4.20 19.10
N THR B 86 -6.98 4.37 19.81
CA THR B 86 -8.14 5.04 19.25
C THR B 86 -7.84 6.53 19.07
N ALA B 87 -8.66 7.18 18.23
CA ALA B 87 -8.46 8.60 17.97
C ALA B 87 -8.69 9.44 19.21
N LEU B 88 -9.53 8.98 20.13
CA LEU B 88 -9.69 9.68 21.40
C LEU B 88 -8.41 9.65 22.22
N GLU B 89 -7.74 8.50 22.26
CA GLU B 89 -6.45 8.41 22.94
C GLU B 89 -5.40 9.28 22.26
N LEU B 90 -5.39 9.28 20.92
CA LEU B 90 -4.44 10.11 20.19
C LEU B 90 -4.74 11.59 20.37
N LEU B 91 -6.01 11.95 20.56
CA LEU B 91 -6.35 13.34 20.86
C LEU B 91 -5.75 13.78 22.19
N GLU B 92 -5.80 12.91 23.19
CA GLU B 92 -5.17 13.24 24.47
C GLU B 92 -3.65 13.24 24.36
N GLN B 93 -3.08 12.37 23.52
CA GLN B 93 -1.64 12.39 23.31
C GLN B 93 -1.20 13.70 22.66
N GLU B 94 -1.94 14.16 21.65
CA GLU B 94 -1.59 15.42 21.01
C GLU B 94 -1.82 16.60 21.94
N HIS B 95 -2.80 16.50 22.83
CA HIS B 95 -3.01 17.57 23.81
C HIS B 95 -1.93 17.57 24.87
N THR B 96 -1.57 16.40 25.40
CA THR B 96 -0.51 16.33 26.41
C THR B 96 0.85 16.64 25.80
N GLN B 97 1.18 16.00 24.69
CA GLN B 97 2.43 16.28 23.99
C GLN B 97 2.24 17.60 23.24
N GLY B 98 2.62 18.69 23.87
CA GLY B 98 2.37 20.00 23.30
C GLY B 98 3.15 20.24 22.02
N PHE B 99 2.69 21.23 21.26
CA PHE B 99 3.37 21.62 20.05
C PHE B 99 4.63 22.42 20.39
N ILE B 100 5.65 22.25 19.56
CA ILE B 100 6.90 23.00 19.72
C ILE B 100 6.65 24.43 19.24
N ILE B 101 6.55 25.37 20.17
CA ILE B 101 6.30 26.76 19.78
C ILE B 101 7.49 27.28 18.99
N THR B 102 7.20 28.17 18.04
CA THR B 102 8.22 28.79 17.20
C THR B 102 8.58 30.19 17.66
N PHE B 103 8.16 30.57 18.86
CA PHE B 103 8.35 31.91 19.43
C PHE B 103 7.70 33.00 18.58
N CYS B 104 6.86 32.62 17.62
CA CYS B 104 6.07 33.55 16.82
C CYS B 104 4.61 33.18 16.96
N SER B 105 3.81 34.09 17.50
CA SER B 105 2.41 33.79 17.77
C SER B 105 1.66 33.51 16.47
N ALA B 106 1.92 34.28 15.42
CA ALA B 106 1.20 34.09 14.17
C ALA B 106 1.49 32.73 13.55
N LEU B 107 2.75 32.30 13.58
CA LEU B 107 3.10 31.02 12.99
C LEU B 107 2.54 29.87 13.81
N ASP B 108 2.58 29.98 15.14
CA ASP B 108 2.06 28.91 15.99
C ASP B 108 0.55 28.77 15.86
N ASP B 109 -0.16 29.87 15.66
CA ASP B 109 -1.61 29.82 15.55
C ASP B 109 -2.05 29.01 14.34
N ILE B 110 -1.34 29.15 13.22
CA ILE B 110 -1.71 28.47 11.99
C ILE B 110 -1.06 27.09 11.94
N LEU B 111 -0.47 26.68 13.04
CA LEU B 111 0.06 25.32 13.19
C LEU B 111 -0.56 24.59 14.36
N GLY B 112 -1.58 25.16 14.99
CA GLY B 112 -2.22 24.56 16.15
C GLY B 112 -1.55 24.86 17.48
N GLY B 113 -0.44 25.61 17.47
CA GLY B 113 0.27 25.91 18.69
C GLY B 113 1.78 25.82 18.51
N GLY B 114 2.21 25.36 17.35
CA GLY B 114 3.61 25.22 17.04
C GLY B 114 3.83 24.00 16.18
N VAL B 115 5.09 23.57 16.10
CA VAL B 115 5.46 22.42 15.29
C VAL B 115 4.89 21.17 15.95
N PRO B 116 4.08 20.39 15.25
CA PRO B 116 3.44 19.22 15.87
C PRO B 116 4.41 18.07 16.07
N LEU B 117 4.29 17.42 17.22
CA LEU B 117 5.04 16.20 17.48
C LEU B 117 4.41 15.02 16.76
N MET B 118 5.17 13.93 16.65
CA MET B 118 4.74 12.73 15.93
C MET B 118 4.37 13.06 14.49
N LYS B 119 5.06 14.02 13.89
CA LYS B 119 4.71 14.50 12.57
C LYS B 119 5.95 15.09 11.92
N THR B 120 5.90 15.22 10.59
CA THR B 120 7.01 15.74 9.81
C THR B 120 6.63 17.10 9.25
N THR B 121 7.46 18.11 9.53
CA THR B 121 7.24 19.46 9.07
C THR B 121 8.34 19.86 8.10
N GLU B 122 7.94 20.46 6.98
CA GLU B 122 8.87 20.86 5.93
C GLU B 122 8.92 22.37 5.85
N ILE B 123 10.13 22.92 5.84
CA ILE B 123 10.31 24.37 5.74
C ILE B 123 10.94 24.68 4.39
N CYS B 124 10.11 24.92 3.38
CA CYS B 124 10.58 25.25 2.06
C CYS B 124 10.78 26.76 1.92
N GLY B 125 11.75 27.13 1.10
CA GLY B 125 12.02 28.54 0.90
C GLY B 125 13.24 28.85 0.06
N ALA B 126 13.28 30.06 -0.49
CA ALA B 126 14.43 30.52 -1.24
C ALA B 126 15.60 30.76 -0.28
N PRO B 127 16.83 30.74 -0.79
CA PRO B 127 17.98 30.98 0.08
C PRO B 127 17.90 32.36 0.73
N GLY B 128 18.32 32.42 2.00
CA GLY B 128 18.34 33.65 2.75
C GLY B 128 17.03 34.03 3.41
N VAL B 129 16.02 33.16 3.40
CA VAL B 129 14.72 33.51 3.96
C VAL B 129 14.62 33.25 5.45
N GLY B 130 15.42 32.33 6.00
CA GLY B 130 15.41 32.07 7.42
C GLY B 130 14.95 30.68 7.81
N LYS B 131 15.19 29.70 6.93
CA LYS B 131 14.84 28.32 7.26
C LYS B 131 15.69 27.81 8.42
N THR B 132 16.99 28.10 8.41
CA THR B 132 17.85 27.62 9.49
C THR B 132 17.63 28.40 10.77
N GLN B 133 17.25 29.69 10.66
CA GLN B 133 16.95 30.46 11.86
C GLN B 133 15.77 29.88 12.61
N LEU B 134 14.74 29.43 11.90
CA LEU B 134 13.62 28.75 12.54
C LEU B 134 14.08 27.46 13.18
N CYS B 135 14.93 26.69 12.49
CA CYS B 135 15.41 25.43 13.03
C CYS B 135 16.22 25.65 14.31
N MET B 136 17.15 26.61 14.27
CA MET B 136 17.95 26.90 15.45
C MET B 136 17.09 27.47 16.57
N GLN B 137 16.08 28.27 16.22
CA GLN B 137 15.12 28.73 17.21
C GLN B 137 14.32 27.56 17.79
N LEU B 138 13.90 26.63 16.92
CA LEU B 138 13.14 25.48 17.39
C LEU B 138 13.95 24.59 18.31
N ALA B 139 15.27 24.51 18.09
CA ALA B 139 16.11 23.70 18.96
C ALA B 139 16.06 24.19 20.40
N VAL B 140 16.11 25.51 20.59
CA VAL B 140 15.99 26.06 21.94
C VAL B 140 14.57 25.91 22.46
N ASP B 141 13.58 26.12 21.58
CA ASP B 141 12.19 26.09 22.02
C ASP B 141 11.73 24.72 22.48
N VAL B 142 12.40 23.65 22.04
CA VAL B 142 12.06 22.32 22.52
C VAL B 142 12.41 22.17 23.99
N GLN B 143 13.52 22.76 24.41
CA GLN B 143 14.01 22.64 25.78
C GLN B 143 13.20 23.46 26.77
N ILE B 144 12.23 24.23 26.31
CA ILE B 144 11.36 24.97 27.23
C ILE B 144 10.62 23.98 28.12
N PRO B 145 10.58 24.17 29.44
CA PRO B 145 9.99 23.16 30.32
C PRO B 145 8.50 22.99 30.08
N GLU B 146 7.99 21.83 30.49
CA GLU B 146 6.59 21.52 30.30
C GLU B 146 5.70 22.48 31.08
N CYS B 147 6.13 22.89 32.27
CA CYS B 147 5.36 23.83 33.06
C CYS B 147 5.26 25.20 32.40
N PHE B 148 6.11 25.48 31.42
CA PHE B 148 6.05 26.72 30.65
C PHE B 148 5.35 26.53 29.31
N GLY B 149 4.71 25.37 29.08
CA GLY B 149 4.05 25.10 27.83
C GLY B 149 4.90 24.37 26.80
N GLY B 150 6.19 24.20 27.06
CA GLY B 150 7.07 23.49 26.15
C GLY B 150 6.98 21.98 26.34
N VAL B 151 7.85 21.27 25.63
CA VAL B 151 7.90 19.82 25.73
C VAL B 151 9.04 19.34 26.61
N ALA B 152 9.93 20.23 27.04
CA ALA B 152 11.05 19.88 27.93
C ALA B 152 11.90 18.75 27.35
N GLY B 153 12.12 18.78 26.04
CA GLY B 153 12.88 17.77 25.35
C GLY B 153 14.24 18.25 24.91
N GLU B 154 14.85 17.47 24.02
CA GLU B 154 16.14 17.77 23.43
C GLU B 154 16.01 17.80 21.91
N ALA B 155 16.99 18.42 21.26
CA ALA B 155 16.95 18.64 19.82
C ALA B 155 18.13 17.97 19.14
N VAL B 156 17.86 17.32 18.02
CA VAL B 156 18.89 16.74 17.17
C VAL B 156 18.96 17.58 15.90
N PHE B 157 20.13 18.11 15.61
CA PHE B 157 20.34 19.01 14.48
C PHE B 157 21.20 18.30 13.44
N ILE B 158 20.56 17.72 12.44
CA ILE B 158 21.28 17.05 11.34
C ILE B 158 21.55 18.12 10.30
N ASP B 159 22.64 18.86 10.51
CA ASP B 159 23.00 19.94 9.60
C ASP B 159 23.68 19.37 8.35
N THR B 160 23.32 19.94 7.20
CA THR B 160 23.91 19.53 5.93
C THR B 160 24.62 20.67 5.20
N GLU B 161 24.06 21.87 5.22
CA GLU B 161 24.68 23.01 4.55
C GLU B 161 25.72 23.71 5.42
N GLY B 162 25.90 23.27 6.66
CA GLY B 162 26.85 23.94 7.53
C GLY B 162 26.38 25.28 8.06
N SER B 163 25.06 25.51 8.06
CA SER B 163 24.49 26.79 8.49
C SER B 163 24.26 26.87 9.99
N PHE B 164 24.51 25.78 10.73
CA PHE B 164 24.31 25.79 12.18
C PHE B 164 25.40 26.62 12.84
N MET B 165 25.05 27.83 13.27
CA MET B 165 25.95 28.71 13.97
C MET B 165 25.67 28.62 15.47
N VAL B 166 26.66 28.19 16.24
CA VAL B 166 26.49 28.05 17.68
C VAL B 166 26.27 29.41 18.33
N ASP B 167 27.01 30.42 17.87
CA ASP B 167 26.92 31.74 18.50
C ASP B 167 25.51 32.30 18.37
N ARG B 168 24.85 32.07 17.23
CA ARG B 168 23.49 32.55 17.06
C ARG B 168 22.52 31.81 17.97
N VAL B 169 22.74 30.50 18.17
CA VAL B 169 21.89 29.73 19.07
C VAL B 169 22.04 30.23 20.51
N VAL B 170 23.26 30.65 20.88
CA VAL B 170 23.47 31.21 22.21
C VAL B 170 22.62 32.46 22.41
N ASP B 171 22.58 33.33 21.40
CA ASP B 171 21.69 34.49 21.47
C ASP B 171 20.23 34.05 21.52
N LEU B 172 19.88 33.05 20.72
CA LEU B 172 18.51 32.51 20.77
C LEU B 172 18.20 31.92 22.13
N ALA B 173 19.16 31.20 22.71
CA ALA B 173 18.95 30.58 24.02
C ALA B 173 18.81 31.64 25.10
N THR B 174 19.72 32.61 25.12
CA THR B 174 19.68 33.65 26.14
C THR B 174 18.41 34.48 26.05
N ALA B 175 18.00 34.83 24.83
CA ALA B 175 16.76 35.57 24.65
C ALA B 175 15.56 34.74 25.08
N CYS B 176 15.60 33.43 24.84
CA CYS B 176 14.51 32.56 25.30
C CYS B 176 14.45 32.53 26.82
N ILE B 177 15.61 32.47 27.48
CA ILE B 177 15.64 32.51 28.94
C ILE B 177 15.08 33.81 29.45
N GLN B 178 15.44 34.93 28.83
CA GLN B 178 14.94 36.23 29.27
C GLN B 178 13.43 36.32 29.10
N HIS B 179 12.92 35.81 27.98
CA HIS B 179 11.47 35.80 27.77
C HIS B 179 10.77 34.93 28.80
N LEU B 180 11.35 33.77 29.11
CA LEU B 180 10.71 32.88 30.08
C LEU B 180 10.77 33.45 31.48
N GLN B 181 11.85 34.16 31.82
CA GLN B 181 11.93 34.79 33.13
C GLN B 181 11.06 36.03 33.23
N LEU B 182 10.69 36.63 32.09
CA LEU B 182 9.74 37.74 32.11
C LEU B 182 8.33 37.24 32.39
N ILE B 183 8.03 36.00 32.02
CA ILE B 183 6.73 35.40 32.28
C ILE B 183 6.79 34.67 33.61
N ALA B 184 7.97 34.66 34.23
CA ALA B 184 8.16 33.94 35.48
C ALA B 184 7.89 34.81 36.70
N GLU B 185 7.52 36.07 36.50
CA GLU B 185 7.19 36.95 37.61
C GLU B 185 5.92 37.74 37.41
N LYS B 186 5.36 37.80 36.20
CA LYS B 186 4.04 38.41 36.03
C LYS B 186 2.97 37.61 36.74
N HIS B 187 3.13 36.29 36.80
CA HIS B 187 2.21 35.43 37.55
C HIS B 187 2.41 35.53 39.05
N LYS B 188 3.49 36.17 39.50
CA LYS B 188 3.82 36.29 40.93
C LYS B 188 3.94 34.91 41.59
N GLY B 189 4.54 33.97 40.86
CA GLY B 189 4.72 32.63 41.39
C GLY B 189 6.10 32.04 41.15
N GLU B 190 6.69 31.46 42.20
CA GLU B 190 7.98 30.78 42.06
C GLU B 190 7.82 29.36 41.52
N GLU B 191 6.59 28.84 41.49
CA GLU B 191 6.38 27.47 41.04
C GLU B 191 6.86 27.27 39.61
N HIS B 192 6.69 28.28 38.75
CA HIS B 192 7.29 28.23 37.43
C HIS B 192 8.80 28.44 37.50
N ARG B 193 9.25 29.31 38.40
CA ARG B 193 10.66 29.65 38.50
C ARG B 193 11.50 28.43 38.90
N LYS B 194 10.86 27.43 39.48
CA LYS B 194 11.53 26.15 39.74
C LYS B 194 11.92 25.48 38.43
N ALA B 195 11.02 25.48 37.45
CA ALA B 195 11.27 24.91 36.14
C ALA B 195 12.45 25.57 35.44
N LEU B 196 12.59 26.88 35.62
CA LEU B 196 13.64 27.66 34.97
C LEU B 196 14.97 27.57 35.70
N GLU B 197 15.15 26.60 36.59
CA GLU B 197 16.39 26.41 37.33
C GLU B 197 17.40 25.55 36.56
N ASP B 198 17.01 25.02 35.41
CA ASP B 198 17.89 24.18 34.62
C ASP B 198 17.93 24.67 33.17
N PHE B 199 17.11 25.66 32.85
CA PHE B 199 17.02 26.18 31.49
C PHE B 199 18.20 27.09 31.16
N THR B 200 19.23 27.05 31.98
CA THR B 200 20.43 27.84 31.75
C THR B 200 21.06 27.48 30.41
N LEU B 201 21.94 28.37 29.93
CA LEU B 201 22.57 28.19 28.63
C LEU B 201 23.33 26.87 28.55
N ASP B 202 23.87 26.40 29.67
CA ASP B 202 24.62 25.15 29.72
C ASP B 202 23.78 23.98 29.25
N ASN B 203 22.56 23.84 29.79
CA ASN B 203 21.71 22.71 29.42
C ASN B 203 21.15 22.87 28.01
N ILE B 204 20.87 24.11 27.60
CA ILE B 204 20.28 24.33 26.28
C ILE B 204 21.23 23.84 25.19
N LEU B 205 22.51 24.23 25.30
CA LEU B 205 23.47 23.80 24.29
C LEU B 205 23.81 22.32 24.43
N SER B 206 23.93 21.82 25.65
CA SER B 206 24.27 20.42 25.86
C SER B 206 23.19 19.47 25.37
N HIS B 207 21.98 19.95 25.11
CA HIS B 207 20.90 19.11 24.63
C HIS B 207 20.68 19.24 23.13
N ILE B 208 21.53 19.98 22.43
CA ILE B 208 21.44 20.14 20.98
C ILE B 208 22.46 19.19 20.36
N TYR B 209 21.98 18.09 19.78
CA TYR B 209 22.86 17.12 19.15
C TYR B 209 23.08 17.48 17.69
N TYR B 210 24.32 17.76 17.33
CA TYR B 210 24.68 18.30 16.03
C TYR B 210 25.37 17.21 15.22
N PHE B 211 24.79 16.89 14.07
CA PHE B 211 25.33 15.89 13.15
C PHE B 211 25.65 16.59 11.83
N ARG B 212 26.92 16.88 11.59
CA ARG B 212 27.34 17.54 10.35
C ARG B 212 27.46 16.49 9.26
N CYS B 213 26.39 16.33 8.49
CA CYS B 213 26.39 15.43 7.35
C CYS B 213 26.82 16.20 6.10
N ARG B 214 27.86 15.71 5.44
CA ARG B 214 28.41 16.40 4.27
C ARG B 214 27.79 15.88 2.98
N ASP B 215 27.91 14.58 2.73
CA ASP B 215 27.34 13.97 1.54
C ASP B 215 26.00 13.32 1.87
N TYR B 216 25.26 12.97 0.81
CA TYR B 216 23.97 12.34 1.01
C TYR B 216 24.11 10.97 1.66
N THR B 217 25.18 10.25 1.34
CA THR B 217 25.42 8.95 1.98
C THR B 217 25.60 9.12 3.48
N GLU B 218 26.39 10.10 3.89
CA GLU B 218 26.59 10.35 5.31
C GLU B 218 25.29 10.79 5.97
N LEU B 219 24.52 11.64 5.28
CA LEU B 219 23.20 12.01 5.78
C LEU B 219 22.27 10.81 5.85
N LEU B 220 22.28 9.97 4.80
CA LEU B 220 21.44 8.79 4.80
C LEU B 220 21.91 7.78 5.84
N ALA B 221 23.22 7.72 6.09
CA ALA B 221 23.74 6.84 7.14
C ALA B 221 23.26 7.28 8.50
N GLN B 222 23.26 8.60 8.76
CA GLN B 222 22.84 9.10 10.07
C GLN B 222 21.36 8.85 10.30
N VAL B 223 20.55 8.85 9.24
CA VAL B 223 19.12 8.57 9.41
C VAL B 223 18.91 7.14 9.88
N TYR B 224 19.70 6.21 9.35
CA TYR B 224 19.57 4.81 9.77
C TYR B 224 20.01 4.62 11.22
N LEU B 225 21.00 5.40 11.66
CA LEU B 225 21.49 5.31 13.03
C LEU B 225 20.70 6.17 14.00
N LEU B 226 19.67 6.85 13.53
CA LEU B 226 18.89 7.75 14.37
C LEU B 226 17.96 6.97 15.30
N PRO B 227 17.24 5.94 14.83
CA PRO B 227 16.41 5.17 15.78
C PRO B 227 17.21 4.58 16.92
N ASP B 228 18.44 4.13 16.65
CA ASP B 228 19.28 3.65 17.74
C ASP B 228 19.77 4.79 18.61
N PHE B 229 20.04 5.95 18.00
CA PHE B 229 20.50 7.10 18.77
C PHE B 229 19.41 7.60 19.72
N LEU B 230 18.17 7.67 19.24
CA LEU B 230 17.08 8.19 20.05
C LEU B 230 16.59 7.19 21.10
N SER B 231 16.86 5.90 20.91
CA SER B 231 16.59 4.94 21.97
C SER B 231 17.45 5.23 23.19
N GLU B 232 18.73 5.56 22.96
CA GLU B 232 19.61 5.93 24.06
C GLU B 232 19.21 7.29 24.64
N HIS B 233 18.91 8.25 23.77
CA HIS B 233 18.52 9.60 24.19
C HIS B 233 17.01 9.72 24.01
N SER B 234 16.26 9.28 25.02
CA SER B 234 14.81 9.36 24.96
C SER B 234 14.30 10.78 25.14
N LYS B 235 15.14 11.71 25.58
CA LYS B 235 14.73 13.09 25.78
C LYS B 235 14.60 13.87 24.49
N VAL B 236 15.09 13.33 23.38
CA VAL B 236 15.06 14.08 22.11
C VAL B 236 13.62 14.22 21.66
N ARG B 237 13.18 15.46 21.45
CA ARG B 237 11.84 15.76 20.97
C ARG B 237 11.83 16.50 19.64
N LEU B 238 12.99 16.72 19.03
CA LEU B 238 13.08 17.40 17.74
C LEU B 238 14.23 16.83 16.94
N VAL B 239 13.98 16.53 15.69
CA VAL B 239 15.01 16.13 14.73
C VAL B 239 14.99 17.12 13.59
N ILE B 240 16.11 17.79 13.36
CA ILE B 240 16.22 18.85 12.36
C ILE B 240 17.13 18.37 11.26
N VAL B 241 16.60 18.26 10.05
CA VAL B 241 17.41 17.95 8.87
C VAL B 241 17.48 19.20 8.01
N ASP B 242 18.50 20.02 8.23
CA ASP B 242 18.67 21.28 7.52
C ASP B 242 19.98 21.20 6.74
N GLY B 243 19.89 20.86 5.46
CA GLY B 243 18.64 20.59 4.79
C GLY B 243 18.67 19.32 3.97
N ILE B 244 17.48 18.83 3.60
CA ILE B 244 17.40 17.60 2.80
C ILE B 244 17.65 17.85 1.32
N ALA B 245 17.84 19.10 0.92
CA ALA B 245 18.04 19.44 -0.49
C ALA B 245 19.51 19.39 -0.89
N PHE B 246 20.38 20.02 -0.10
CA PHE B 246 21.78 20.17 -0.49
C PHE B 246 22.48 18.83 -0.72
N PRO B 247 22.40 17.84 0.18
CA PRO B 247 23.08 16.56 -0.11
C PRO B 247 22.57 15.86 -1.34
N PHE B 248 21.27 15.94 -1.63
CA PHE B 248 20.69 15.23 -2.76
C PHE B 248 20.68 16.04 -4.03
N ARG B 249 21.06 17.31 -3.99
CA ARG B 249 21.20 18.14 -5.17
C ARG B 249 22.66 18.43 -5.49
N HIS B 250 23.59 17.76 -4.82
CA HIS B 250 25.01 17.84 -5.12
C HIS B 250 25.59 16.44 -5.10
N ASP B 251 26.48 16.16 -6.05
CA ASP B 251 27.13 14.85 -6.20
C ASP B 251 26.11 13.74 -6.40
N LEU B 252 24.98 14.05 -7.02
CA LEU B 252 23.98 13.04 -7.38
C LEU B 252 23.21 13.56 -8.58
N ASP B 253 23.54 13.02 -9.76
CA ASP B 253 22.89 13.43 -11.00
C ASP B 253 21.73 12.51 -11.38
N ASP B 254 21.60 11.36 -10.75
CA ASP B 254 20.55 10.40 -11.08
C ASP B 254 19.27 10.83 -10.38
N LEU B 255 18.32 11.37 -11.15
CA LEU B 255 17.03 11.75 -10.58
C LEU B 255 16.22 10.53 -10.17
N SER B 256 16.37 9.43 -10.89
CA SER B 256 15.66 8.20 -10.51
C SER B 256 16.13 7.69 -9.15
N LEU B 257 17.44 7.77 -8.89
CA LEU B 257 17.94 7.40 -7.57
C LEU B 257 17.51 8.41 -6.52
N ARG B 258 17.51 9.70 -6.87
CA ARG B 258 17.18 10.73 -5.89
C ARG B 258 15.76 10.56 -5.37
N THR B 259 14.80 10.34 -6.28
CA THR B 259 13.42 10.19 -5.85
C THR B 259 13.20 8.91 -5.05
N ARG B 260 14.05 7.89 -5.25
CA ARG B 260 13.97 6.69 -4.42
C ARG B 260 14.54 6.94 -3.03
N LEU B 261 15.67 7.65 -2.95
CA LEU B 261 16.28 7.93 -1.65
C LEU B 261 15.40 8.85 -0.81
N LEU B 262 14.90 9.92 -1.42
CA LEU B 262 14.03 10.84 -0.68
C LEU B 262 12.75 10.14 -0.23
N ASN B 263 12.15 9.34 -1.11
CA ASN B 263 10.94 8.61 -0.74
C ASN B 263 11.23 7.60 0.37
N GLY B 264 12.37 6.91 0.29
CA GLY B 264 12.76 6.03 1.38
C GLY B 264 13.09 6.79 2.64
N LEU B 265 13.76 7.94 2.52
CA LEU B 265 14.05 8.77 3.68
C LEU B 265 12.77 9.38 4.26
N ALA B 266 11.74 9.56 3.43
CA ALA B 266 10.48 10.11 3.92
C ALA B 266 9.85 9.20 4.96
N GLN B 267 9.84 7.89 4.72
CA GLN B 267 9.27 6.96 5.68
C GLN B 267 10.14 6.84 6.92
N GLN B 268 11.46 6.94 6.78
CA GLN B 268 12.33 6.86 7.94
C GLN B 268 12.08 8.02 8.89
N MET B 269 11.85 9.22 8.35
CA MET B 269 11.64 10.39 9.21
C MET B 269 10.28 10.34 9.89
N ILE B 270 9.22 10.00 9.16
CA ILE B 270 7.89 10.00 9.75
C ILE B 270 7.76 8.87 10.76
N SER B 271 8.36 7.70 10.47
CA SER B 271 8.37 6.62 11.45
C SER B 271 9.17 7.00 12.68
N LEU B 272 10.28 7.70 12.49
CA LEU B 272 11.09 8.13 13.63
C LEU B 272 10.32 9.10 14.51
N ALA B 273 9.62 10.06 13.90
CA ALA B 273 8.87 11.04 14.68
C ALA B 273 7.72 10.38 15.43
N ASN B 274 7.01 9.46 14.79
CA ASN B 274 5.85 8.86 15.41
C ASN B 274 6.25 7.87 16.51
N ASN B 275 7.24 7.01 16.23
CA ASN B 275 7.63 6.01 17.22
C ASN B 275 8.30 6.64 18.43
N HIS B 276 9.18 7.61 18.21
CA HIS B 276 9.88 8.28 19.30
C HIS B 276 9.14 9.50 19.82
N ARG B 277 7.98 9.83 19.27
CA ARG B 277 7.15 10.94 19.72
C ARG B 277 7.94 12.25 19.71
N LEU B 278 8.33 12.67 18.52
CA LEU B 278 9.06 13.92 18.32
C LEU B 278 8.59 14.57 17.03
N ALA B 279 9.22 15.68 16.68
CA ALA B 279 8.91 16.43 15.47
C ALA B 279 10.14 16.44 14.57
N VAL B 280 9.91 16.26 13.27
CA VAL B 280 10.98 16.26 12.27
C VAL B 280 10.85 17.51 11.42
N ILE B 281 11.95 18.26 11.31
CA ILE B 281 11.98 19.50 10.54
C ILE B 281 12.88 19.26 9.33
N LEU B 282 12.31 19.43 8.14
CA LEU B 282 13.03 19.32 6.88
C LEU B 282 12.99 20.67 6.19
N THR B 283 14.13 21.08 5.61
CA THR B 283 14.21 22.34 4.91
C THR B 283 14.62 22.09 3.46
N ASN B 284 13.84 22.62 2.53
CA ASN B 284 14.09 22.53 1.10
C ASN B 284 14.61 23.87 0.59
N GLN B 285 14.88 23.90 -0.71
CA GLN B 285 15.18 25.14 -1.42
C GLN B 285 14.23 25.26 -2.61
N MET B 286 13.64 26.44 -2.78
CA MET B 286 12.72 26.65 -3.89
C MET B 286 13.47 26.60 -5.22
N THR B 287 12.87 25.92 -6.19
CA THR B 287 13.48 25.77 -7.51
C THR B 287 12.65 26.48 -8.57
N VAL B 298 7.94 26.42 -6.74
CA VAL B 298 7.63 25.15 -6.11
C VAL B 298 8.86 24.58 -5.41
N PRO B 299 8.64 23.86 -4.32
CA PRO B 299 9.76 23.20 -3.63
C PRO B 299 10.44 22.17 -4.51
N ALA B 300 11.74 21.98 -4.29
CA ALA B 300 12.55 21.10 -5.10
C ALA B 300 12.36 19.64 -4.68
N LEU B 301 13.24 18.77 -5.15
CA LEU B 301 13.29 17.34 -4.84
C LEU B 301 12.17 16.55 -5.49
N GLY B 302 11.60 17.06 -6.59
CA GLY B 302 10.64 16.33 -7.37
C GLY B 302 9.21 16.47 -6.86
N GLU B 303 8.28 15.93 -7.66
CA GLU B 303 6.87 16.02 -7.32
C GLU B 303 6.48 15.05 -6.21
N SER B 304 7.08 13.86 -6.20
CA SER B 304 6.74 12.87 -5.19
C SER B 304 7.20 13.28 -3.79
N TRP B 305 8.11 14.24 -3.69
CA TRP B 305 8.55 14.71 -2.38
C TRP B 305 7.50 15.58 -1.70
N GLY B 306 6.54 16.11 -2.45
CA GLY B 306 5.49 16.90 -1.83
C GLY B 306 4.65 16.11 -0.85
N HIS B 307 4.56 14.80 -1.05
CA HIS B 307 3.81 13.93 -0.16
C HIS B 307 4.61 13.51 1.07
N ALA B 308 5.91 13.81 1.10
CA ALA B 308 6.77 13.28 2.16
C ALA B 308 6.41 13.88 3.52
N ALA B 309 6.31 15.20 3.59
CA ALA B 309 6.12 15.89 4.86
C ALA B 309 4.64 16.20 5.06
N THR B 310 4.12 15.86 6.24
CA THR B 310 2.71 16.11 6.53
C THR B 310 2.42 17.59 6.61
N ILE B 311 3.34 18.37 7.17
CA ILE B 311 3.20 19.82 7.29
C ILE B 311 4.25 20.45 6.39
N ARG B 312 3.83 21.39 5.54
CA ARG B 312 4.75 22.11 4.66
C ARG B 312 4.56 23.61 4.86
N LEU B 313 5.66 24.29 5.18
CA LEU B 313 5.67 25.74 5.33
C LEU B 313 6.62 26.32 4.29
N ILE B 314 6.14 27.29 3.53
CA ILE B 314 6.92 27.94 2.48
C ILE B 314 7.27 29.33 2.97
N PHE B 315 8.55 29.55 3.26
CA PHE B 315 9.04 30.87 3.67
C PHE B 315 9.50 31.61 2.43
N HIS B 316 8.76 32.66 2.07
CA HIS B 316 9.13 33.48 0.91
C HIS B 316 9.20 34.95 1.28
N TRP B 317 9.34 35.81 0.29
CA TRP B 317 9.50 37.24 0.51
C TRP B 317 8.41 38.01 -0.21
N ASP B 318 8.11 39.20 0.32
CA ASP B 318 7.10 40.07 -0.27
C ASP B 318 7.43 41.50 0.15
N ARG B 319 8.02 42.26 -0.77
CA ARG B 319 8.34 43.67 -0.55
C ARG B 319 9.21 43.85 0.70
N LYS B 320 10.29 43.06 0.78
CA LYS B 320 11.25 43.12 1.88
C LYS B 320 10.61 42.82 3.23
N GLN B 321 9.56 42.01 3.23
CA GLN B 321 8.90 41.56 4.45
C GLN B 321 8.71 40.05 4.34
N ARG B 322 9.09 39.32 5.39
CA ARG B 322 9.03 37.87 5.35
C ARG B 322 7.61 37.38 5.56
N LEU B 323 7.20 36.43 4.74
CA LEU B 323 5.88 35.82 4.81
C LEU B 323 6.03 34.32 4.98
N ALA B 324 5.20 33.74 5.84
CA ALA B 324 5.20 32.30 6.10
C ALA B 324 3.89 31.72 5.61
N THR B 325 3.94 31.00 4.50
CA THR B 325 2.76 30.42 3.89
C THR B 325 2.67 28.95 4.23
N LEU B 326 1.50 28.52 4.69
CA LEU B 326 1.23 27.11 4.97
C LEU B 326 0.73 26.48 3.69
N TYR B 327 1.64 25.84 2.94
CA TYR B 327 1.28 25.28 1.65
C TYR B 327 0.43 24.02 1.80
N LYS B 328 0.74 23.20 2.80
CA LYS B 328 0.08 21.91 2.95
C LYS B 328 0.05 21.54 4.43
N SER B 329 -1.14 21.26 4.94
CA SER B 329 -1.32 20.82 6.32
C SER B 329 -2.65 20.09 6.45
N PRO B 330 -2.68 18.93 7.11
CA PRO B 330 -3.94 18.20 7.28
C PRO B 330 -4.80 18.70 8.43
N SER B 331 -4.37 19.74 9.14
CA SER B 331 -5.12 20.27 10.27
C SER B 331 -5.46 21.74 10.15
N GLN B 332 -4.73 22.51 9.34
CA GLN B 332 -4.94 23.94 9.20
C GLN B 332 -5.11 24.29 7.73
N LYS B 333 -6.01 25.23 7.45
CA LYS B 333 -6.22 25.67 6.09
C LYS B 333 -5.04 26.52 5.62
N GLU B 334 -4.88 26.59 4.30
CA GLU B 334 -3.79 27.37 3.72
C GLU B 334 -3.93 28.84 4.10
N CYS B 335 -2.83 29.42 4.58
CA CYS B 335 -2.83 30.81 5.01
C CYS B 335 -1.40 31.30 5.08
N THR B 336 -1.26 32.62 5.13
CA THR B 336 0.04 33.28 5.19
C THR B 336 0.09 34.19 6.42
N VAL B 337 1.22 34.13 7.13
CA VAL B 337 1.41 34.94 8.33
C VAL B 337 2.73 35.70 8.21
N LEU B 338 2.80 36.81 8.92
CA LEU B 338 3.98 37.67 8.88
C LEU B 338 4.89 37.35 10.06
N PHE B 339 6.17 37.12 9.76
CA PHE B 339 7.18 36.89 10.78
C PHE B 339 8.41 37.72 10.46
N GLN B 340 9.13 38.11 11.51
CA GLN B 340 10.35 38.87 11.37
C GLN B 340 11.47 38.21 12.17
N ILE B 341 12.66 38.14 11.58
CA ILE B 341 13.81 37.51 12.23
C ILE B 341 14.58 38.65 12.90
N LYS B 342 14.19 38.96 14.13
CA LYS B 342 14.87 39.96 14.93
C LYS B 342 16.10 39.37 15.58
N PRO B 343 17.02 40.19 16.08
CA PRO B 343 18.14 39.66 16.86
C PRO B 343 17.68 38.86 18.08
N GLN B 344 16.53 39.20 18.65
CA GLN B 344 15.99 38.42 19.77
C GLN B 344 15.57 37.02 19.35
N GLY B 345 15.30 36.80 18.06
CA GLY B 345 14.98 35.48 17.57
C GLY B 345 13.82 35.51 16.61
N PHE B 346 13.26 34.34 16.35
CA PHE B 346 12.11 34.17 15.45
C PHE B 346 10.87 34.70 16.16
N ARG B 347 10.46 35.92 15.80
CA ARG B 347 9.35 36.59 16.46
C ARG B 347 8.29 36.96 15.43
N ASP B 348 7.21 37.57 15.92
CA ASP B 348 6.11 37.99 15.06
C ASP B 348 6.52 39.17 14.19
N GLY C 2 -1.10 -26.06 1.32
CA GLY C 2 0.23 -25.94 1.90
C GLY C 2 0.99 -27.25 1.88
N VAL C 3 1.77 -27.49 2.93
CA VAL C 3 2.58 -28.70 3.06
C VAL C 3 1.77 -29.77 3.77
N LEU C 4 1.80 -30.98 3.22
CA LEU C 4 1.09 -32.11 3.82
C LEU C 4 1.62 -32.38 5.22
N ARG C 5 0.76 -32.20 6.22
CA ARG C 5 1.13 -32.43 7.61
C ARG C 5 -0.08 -32.92 8.37
N VAL C 6 0.18 -33.48 9.55
CA VAL C 6 -0.89 -33.93 10.42
C VAL C 6 -1.72 -32.74 10.87
N GLY C 7 -3.04 -32.92 10.89
CA GLY C 7 -3.95 -31.84 11.20
C GLY C 7 -4.42 -31.05 10.01
N LEU C 8 -3.77 -31.20 8.86
CA LEU C 8 -4.23 -30.54 7.65
C LEU C 8 -5.55 -31.12 7.18
N CYS C 9 -5.79 -32.39 7.43
CA CYS C 9 -7.05 -33.05 7.12
C CYS C 9 -7.21 -34.23 8.06
N PRO C 10 -8.43 -34.51 8.54
CA PRO C 10 -8.63 -35.69 9.39
C PRO C 10 -8.30 -36.97 8.64
N GLY C 11 -7.77 -37.95 9.38
CA GLY C 11 -7.37 -39.22 8.81
C GLY C 11 -6.04 -39.21 8.10
N LEU C 12 -5.31 -38.10 8.13
CA LEU C 12 -4.00 -38.01 7.47
C LEU C 12 -2.92 -38.32 8.50
N THR C 13 -2.47 -39.57 8.53
CA THR C 13 -1.44 -39.98 9.46
C THR C 13 -0.07 -39.50 8.98
N GLU C 14 0.82 -39.25 9.94
CA GLU C 14 2.17 -38.85 9.59
C GLU C 14 2.94 -39.96 8.89
N GLU C 15 2.56 -41.22 9.12
CA GLU C 15 3.28 -42.33 8.52
C GLU C 15 3.18 -42.29 7.00
N MET C 16 1.98 -42.02 6.48
CA MET C 16 1.84 -41.93 5.03
C MET C 16 2.39 -40.62 4.48
N ILE C 17 2.39 -39.55 5.29
CA ILE C 17 2.93 -38.27 4.83
C ILE C 17 4.39 -38.43 4.43
N GLN C 18 5.14 -39.21 5.20
CA GLN C 18 6.50 -39.57 4.80
C GLN C 18 6.48 -40.36 3.50
N LEU C 19 5.51 -41.27 3.36
CA LEU C 19 5.40 -42.07 2.14
C LEU C 19 5.13 -41.20 0.92
N LEU C 20 4.23 -40.22 1.07
CA LEU C 20 3.94 -39.30 -0.03
C LEU C 20 5.17 -38.47 -0.38
N ARG C 21 5.92 -38.03 0.63
CA ARG C 21 7.15 -37.29 0.38
C ARG C 21 8.14 -38.12 -0.43
N SER C 22 8.21 -39.42 -0.14
CA SER C 22 9.14 -40.33 -0.79
C SER C 22 8.96 -40.36 -2.29
N HIS C 23 7.79 -39.97 -2.77
CA HIS C 23 7.51 -39.87 -4.20
C HIS C 23 7.41 -38.43 -4.67
N ARG C 24 8.09 -37.52 -3.98
CA ARG C 24 8.10 -36.09 -4.33
C ARG C 24 6.69 -35.50 -4.33
N ILE C 25 5.87 -35.95 -3.36
CA ILE C 25 4.56 -35.36 -3.14
C ILE C 25 4.57 -34.71 -1.76
N LYS C 26 4.90 -33.42 -1.72
CA LYS C 26 5.05 -32.70 -0.47
C LYS C 26 3.93 -31.71 -0.19
N THR C 27 3.24 -31.22 -1.22
CA THR C 27 2.25 -30.18 -1.06
C THR C 27 0.85 -30.72 -1.31
N VAL C 28 -0.15 -29.89 -1.01
CA VAL C 28 -1.53 -30.25 -1.28
C VAL C 28 -1.77 -30.34 -2.77
N VAL C 29 -1.26 -29.38 -3.54
CA VAL C 29 -1.44 -29.40 -4.98
C VAL C 29 -0.68 -30.56 -5.60
N ASP C 30 0.42 -30.98 -4.98
CA ASP C 30 1.15 -32.14 -5.49
C ASP C 30 0.30 -33.40 -5.39
N LEU C 31 -0.41 -33.57 -4.27
CA LEU C 31 -1.24 -34.76 -4.11
C LEU C 31 -2.45 -34.72 -5.03
N VAL C 32 -3.09 -33.55 -5.15
CA VAL C 32 -4.29 -33.44 -5.98
C VAL C 32 -3.94 -33.60 -7.45
N SER C 33 -2.89 -32.92 -7.91
CA SER C 33 -2.54 -32.95 -9.32
C SER C 33 -2.07 -34.33 -9.77
N ALA C 34 -1.23 -34.97 -8.97
CA ALA C 34 -0.62 -36.23 -9.38
C ALA C 34 -1.67 -37.34 -9.50
N ASP C 35 -1.40 -38.28 -10.39
CA ASP C 35 -2.28 -39.42 -10.59
C ASP C 35 -2.23 -40.31 -9.36
N LEU C 36 -3.34 -40.37 -8.62
CA LEU C 36 -3.36 -41.11 -7.37
C LEU C 36 -3.36 -42.61 -7.58
N GLU C 37 -3.84 -43.08 -8.73
CA GLU C 37 -3.84 -44.53 -8.99
C GLU C 37 -2.41 -45.06 -9.05
N GLU C 38 -1.51 -44.33 -9.69
CA GLU C 38 -0.11 -44.74 -9.74
C GLU C 38 0.52 -44.73 -8.35
N VAL C 39 0.26 -43.68 -7.57
CA VAL C 39 0.84 -43.56 -6.24
C VAL C 39 0.30 -44.64 -5.31
N ALA C 40 -0.99 -44.97 -5.46
CA ALA C 40 -1.59 -45.99 -4.58
C ALA C 40 -0.90 -47.33 -4.75
N GLN C 41 -0.58 -47.72 -5.99
CA GLN C 41 0.17 -48.95 -6.20
C GLN C 41 1.60 -48.81 -5.73
N LYS C 42 2.23 -47.66 -5.99
CA LYS C 42 3.63 -47.48 -5.64
C LYS C 42 3.84 -47.47 -4.14
N CYS C 43 3.07 -46.66 -3.42
CA CYS C 43 3.28 -46.47 -1.99
C CYS C 43 2.59 -47.54 -1.15
N GLY C 44 1.78 -48.41 -1.77
CA GLY C 44 0.99 -49.36 -1.02
C GLY C 44 -0.21 -48.77 -0.31
N LEU C 45 -0.44 -47.48 -0.46
CA LEU C 45 -1.60 -46.85 0.16
C LEU C 45 -2.87 -47.23 -0.59
N SER C 46 -3.94 -47.45 0.16
CA SER C 46 -5.21 -47.83 -0.46
C SER C 46 -5.69 -46.73 -1.39
N TYR C 47 -6.16 -47.14 -2.57
CA TYR C 47 -6.66 -46.18 -3.55
C TYR C 47 -7.90 -45.46 -3.05
N LYS C 48 -8.76 -46.16 -2.32
CA LYS C 48 -9.94 -45.50 -1.74
C LYS C 48 -9.52 -44.45 -0.71
N ALA C 49 -8.41 -44.67 -0.01
CA ALA C 49 -7.94 -43.69 0.96
C ALA C 49 -7.50 -42.41 0.27
N LEU C 50 -6.68 -42.53 -0.79
CA LEU C 50 -6.22 -41.35 -1.50
C LEU C 50 -7.37 -40.59 -2.13
N VAL C 51 -8.31 -41.32 -2.74
CA VAL C 51 -9.48 -40.66 -3.33
C VAL C 51 -10.26 -39.90 -2.26
N ALA C 52 -10.46 -40.52 -1.10
CA ALA C 52 -11.07 -39.82 0.01
C ALA C 52 -10.18 -38.67 0.49
N LEU C 53 -8.87 -38.89 0.50
CA LEU C 53 -7.94 -37.85 0.93
C LEU C 53 -7.91 -36.70 -0.07
N ARG C 54 -8.04 -37.00 -1.36
CA ARG C 54 -8.08 -35.93 -2.35
C ARG C 54 -9.34 -35.07 -2.19
N ARG C 55 -10.49 -35.71 -1.93
CA ARG C 55 -11.74 -34.97 -1.82
C ARG C 55 -11.71 -34.03 -0.62
N VAL C 56 -11.23 -34.51 0.53
CA VAL C 56 -11.24 -33.68 1.73
C VAL C 56 -10.26 -32.52 1.60
N LEU C 57 -9.12 -32.76 0.94
CA LEU C 57 -8.18 -31.67 0.70
C LEU C 57 -8.77 -30.63 -0.23
N LEU C 58 -9.47 -31.07 -1.28
CA LEU C 58 -10.14 -30.13 -2.17
C LEU C 58 -11.26 -29.40 -1.45
N ALA C 59 -12.04 -30.11 -0.63
CA ALA C 59 -13.14 -29.49 0.09
C ALA C 59 -12.66 -28.52 1.16
N GLN C 60 -11.37 -28.51 1.49
CA GLN C 60 -10.83 -27.65 2.52
C GLN C 60 -10.00 -26.50 1.99
N PHE C 61 -9.34 -26.67 0.84
CA PHE C 61 -8.42 -25.67 0.32
C PHE C 61 -8.89 -25.03 -0.98
N SER C 62 -9.95 -25.53 -1.61
CA SER C 62 -10.45 -24.98 -2.86
C SER C 62 -11.72 -24.18 -2.60
N ALA C 63 -11.79 -23.00 -3.16
CA ALA C 63 -12.97 -22.15 -3.01
C ALA C 63 -14.16 -22.78 -3.70
N PHE C 64 -15.34 -22.51 -3.17
CA PHE C 64 -16.54 -23.11 -3.72
C PHE C 64 -17.35 -22.08 -4.49
N PRO C 65 -17.90 -22.45 -5.64
CA PRO C 65 -18.71 -21.49 -6.41
C PRO C 65 -19.92 -21.01 -5.63
N VAL C 66 -20.18 -19.71 -5.71
CA VAL C 66 -21.32 -19.09 -5.06
C VAL C 66 -22.31 -18.69 -6.15
N ASN C 67 -23.52 -19.23 -6.06
CA ASN C 67 -24.53 -18.94 -7.07
C ASN C 67 -24.87 -17.45 -7.06
N GLY C 68 -25.11 -16.91 -8.26
CA GLY C 68 -25.37 -15.48 -8.37
C GLY C 68 -26.62 -15.05 -7.64
N ALA C 69 -27.66 -15.89 -7.68
CA ALA C 69 -28.89 -15.55 -6.97
C ALA C 69 -28.66 -15.48 -5.47
N ASP C 70 -27.91 -16.43 -4.91
CA ASP C 70 -27.56 -16.38 -3.50
C ASP C 70 -26.69 -15.18 -3.19
N LEU C 71 -25.73 -14.87 -4.06
CA LEU C 71 -24.85 -13.73 -3.83
C LEU C 71 -25.59 -12.41 -3.99
N TYR C 72 -26.55 -12.34 -4.92
CA TYR C 72 -27.30 -11.11 -5.13
C TYR C 72 -28.17 -10.78 -3.92
N GLU C 73 -28.86 -11.78 -3.37
CA GLU C 73 -29.66 -11.56 -2.17
C GLU C 73 -28.77 -11.21 -0.98
N GLU C 74 -27.63 -11.89 -0.85
CA GLU C 74 -26.73 -11.64 0.27
C GLU C 74 -26.16 -10.23 0.20
N LEU C 75 -25.60 -9.86 -0.96
CA LEU C 75 -25.06 -8.52 -1.12
C LEU C 75 -26.12 -7.44 -1.08
N LYS C 76 -27.39 -7.80 -1.29
CA LYS C 76 -28.46 -6.82 -1.19
C LYS C 76 -28.58 -6.29 0.24
N THR C 77 -28.44 -7.17 1.23
CA THR C 77 -28.56 -6.79 2.63
C THR C 77 -27.21 -6.73 3.33
N SER C 78 -26.10 -6.81 2.60
CA SER C 78 -24.77 -6.76 3.19
C SER C 78 -23.99 -5.53 2.77
N THR C 79 -23.91 -5.25 1.47
CA THR C 79 -23.21 -4.07 1.00
C THR C 79 -23.91 -2.81 1.47
N ALA C 80 -23.13 -1.84 1.93
CA ALA C 80 -23.65 -0.59 2.44
C ALA C 80 -22.94 0.57 1.76
N ILE C 81 -23.73 1.55 1.31
CA ILE C 81 -23.19 2.73 0.64
C ILE C 81 -22.89 3.73 1.75
N LEU C 82 -21.63 3.76 2.18
CA LEU C 82 -21.21 4.58 3.31
C LEU C 82 -20.96 6.00 2.83
N SER C 83 -21.75 6.94 3.33
CA SER C 83 -21.59 8.34 2.95
C SER C 83 -20.26 8.88 3.44
N THR C 84 -19.61 9.67 2.60
CA THR C 84 -18.33 10.28 2.93
C THR C 84 -18.46 11.60 3.67
N GLY C 85 -19.68 12.06 3.92
CA GLY C 85 -19.91 13.33 4.55
C GLY C 85 -19.78 14.53 3.65
N ILE C 86 -19.36 14.34 2.40
CA ILE C 86 -19.22 15.42 1.43
C ILE C 86 -20.31 15.21 0.39
N GLY C 87 -21.38 16.00 0.48
CA GLY C 87 -22.48 15.86 -0.45
C GLY C 87 -22.10 16.10 -1.89
N SER C 88 -21.07 16.91 -2.13
CA SER C 88 -20.59 17.15 -3.48
C SER C 88 -19.68 16.06 -4.00
N LEU C 89 -19.30 15.10 -3.14
CA LEU C 89 -18.54 13.93 -3.57
C LEU C 89 -19.34 12.64 -3.54
N ASP C 90 -20.27 12.51 -2.60
CA ASP C 90 -21.18 11.37 -2.61
C ASP C 90 -21.98 11.32 -3.90
N LYS C 91 -22.27 12.49 -4.48
CA LYS C 91 -22.93 12.52 -5.78
C LYS C 91 -22.04 11.90 -6.85
N LEU C 92 -20.74 12.16 -6.78
CA LEU C 92 -19.81 11.54 -7.73
C LEU C 92 -19.70 10.04 -7.51
N LEU C 93 -19.70 9.61 -6.24
CA LEU C 93 -19.54 8.21 -5.90
C LEU C 93 -20.84 7.43 -5.94
N ASP C 94 -21.92 8.02 -6.47
CA ASP C 94 -23.23 7.38 -6.52
C ASP C 94 -23.70 7.02 -5.09
N ALA C 95 -23.91 8.09 -4.32
CA ALA C 95 -24.38 8.13 -2.94
C ALA C 95 -23.28 7.84 -1.92
N GLY C 96 -22.04 7.56 -2.35
CA GLY C 96 -20.94 7.45 -1.42
C GLY C 96 -20.10 6.23 -1.70
N LEU C 97 -19.28 5.88 -0.71
CA LEU C 97 -18.40 4.72 -0.83
C LEU C 97 -19.21 3.43 -0.90
N TYR C 98 -18.52 2.35 -1.25
CA TYR C 98 -19.12 1.03 -1.32
C TYR C 98 -18.27 0.04 -0.53
N THR C 99 -18.92 -0.71 0.35
CA THR C 99 -18.23 -1.78 1.06
C THR C 99 -17.90 -2.92 0.11
N GLY C 100 -16.81 -3.61 0.40
CA GLY C 100 -16.34 -4.68 -0.45
C GLY C 100 -15.48 -4.24 -1.61
N GLU C 101 -15.14 -2.96 -1.70
CA GLU C 101 -14.33 -2.44 -2.78
C GLU C 101 -13.17 -1.63 -2.22
N VAL C 102 -12.04 -1.65 -2.93
CA VAL C 102 -10.88 -0.85 -2.58
C VAL C 102 -11.02 0.47 -3.32
N THR C 103 -11.38 1.53 -2.60
CA THR C 103 -11.52 2.85 -3.19
C THR C 103 -10.21 3.60 -3.04
N GLU C 104 -9.71 4.13 -4.16
CA GLU C 104 -8.45 4.85 -4.18
C GLU C 104 -8.69 6.33 -4.40
N ILE C 105 -7.98 7.15 -3.64
CA ILE C 105 -8.12 8.60 -3.71
C ILE C 105 -6.76 9.14 -4.15
N VAL C 106 -6.60 9.33 -5.45
CA VAL C 106 -5.34 9.76 -6.03
C VAL C 106 -5.32 11.27 -6.14
N GLY C 107 -4.18 11.87 -5.84
CA GLY C 107 -4.04 13.31 -5.91
C GLY C 107 -2.65 13.71 -5.50
N GLY C 108 -2.33 14.98 -5.78
CA GLY C 108 -1.03 15.52 -5.45
C GLY C 108 -0.95 15.92 -4.00
N PRO C 109 0.19 16.52 -3.63
CA PRO C 109 0.35 17.04 -2.27
C PRO C 109 -0.64 18.16 -2.01
N GLY C 110 -1.26 18.11 -0.84
CA GLY C 110 -2.26 19.11 -0.48
C GLY C 110 -3.48 19.11 -1.37
N SER C 111 -3.84 17.96 -1.93
CA SER C 111 -5.01 17.84 -2.78
C SER C 111 -6.24 17.38 -2.02
N GLY C 112 -6.14 17.21 -0.71
CA GLY C 112 -7.26 16.79 0.10
C GLY C 112 -7.45 15.30 0.24
N LYS C 113 -6.42 14.50 -0.07
CA LYS C 113 -6.56 13.05 0.03
C LYS C 113 -6.76 12.63 1.48
N THR C 114 -5.92 13.12 2.39
CA THR C 114 -6.11 12.83 3.80
C THR C 114 -7.39 13.47 4.31
N GLN C 115 -7.69 14.69 3.85
CA GLN C 115 -8.85 15.42 4.36
C GLN C 115 -10.15 14.68 4.04
N VAL C 116 -10.29 14.18 2.82
CA VAL C 116 -11.49 13.42 2.50
C VAL C 116 -11.52 12.09 3.24
N CYS C 117 -10.35 11.48 3.45
CA CYS C 117 -10.29 10.23 4.21
C CYS C 117 -10.75 10.44 5.65
N LEU C 118 -10.34 11.55 6.26
CA LEU C 118 -10.80 11.86 7.61
C LEU C 118 -12.31 12.08 7.63
N CYS C 119 -12.85 12.76 6.63
CA CYS C 119 -14.29 12.97 6.57
C CYS C 119 -15.02 11.63 6.41
N MET C 120 -14.47 10.73 5.60
CA MET C 120 -15.03 9.38 5.53
C MET C 120 -14.94 8.70 6.89
N ALA C 121 -13.81 8.84 7.59
CA ALA C 121 -13.67 8.27 8.92
C ALA C 121 -14.59 8.97 9.91
N ALA C 122 -14.65 10.30 9.86
CA ALA C 122 -15.47 11.04 10.81
C ALA C 122 -16.95 10.75 10.63
N ASN C 123 -17.41 10.67 9.38
CA ASN C 123 -18.83 10.44 9.14
C ASN C 123 -19.23 9.02 9.52
N VAL C 124 -18.40 8.03 9.17
CA VAL C 124 -18.71 6.65 9.53
C VAL C 124 -18.66 6.47 11.04
N ALA C 125 -17.69 7.12 11.70
CA ALA C 125 -17.58 7.00 13.15
C ALA C 125 -18.80 7.56 13.86
N HIS C 126 -19.31 8.71 13.40
CA HIS C 126 -20.42 9.37 14.05
C HIS C 126 -21.75 9.11 13.36
N GLY C 127 -21.85 9.44 12.07
CA GLY C 127 -23.13 9.32 11.38
C GLY C 127 -23.65 7.90 11.33
N LEU C 128 -22.76 6.93 11.08
CA LEU C 128 -23.14 5.54 10.96
C LEU C 128 -22.78 4.71 12.18
N GLN C 129 -22.09 5.29 13.16
CA GLN C 129 -21.76 4.61 14.42
C GLN C 129 -20.99 3.33 14.17
N GLN C 130 -20.09 3.35 13.20
CA GLN C 130 -19.29 2.18 12.84
C GLN C 130 -17.81 2.48 13.03
N ASN C 131 -17.09 1.51 13.57
CA ASN C 131 -15.67 1.70 13.86
C ASN C 131 -14.87 1.85 12.58
N VAL C 132 -13.78 2.61 12.68
CA VAL C 132 -12.91 2.89 11.55
C VAL C 132 -11.48 2.56 11.94
N LEU C 133 -10.75 1.92 11.04
CA LEU C 133 -9.33 1.62 11.23
C LEU C 133 -8.55 2.48 10.24
N TYR C 134 -7.99 3.59 10.73
CA TYR C 134 -7.22 4.50 9.89
C TYR C 134 -5.76 4.12 9.98
N VAL C 135 -5.27 3.39 8.97
CA VAL C 135 -3.88 3.00 8.91
C VAL C 135 -3.13 4.12 8.18
N ASP C 136 -2.50 4.99 8.93
CA ASP C 136 -1.80 6.14 8.38
C ASP C 136 -0.31 5.82 8.23
N SER C 137 0.22 6.06 7.04
CA SER C 137 1.63 5.85 6.76
C SER C 137 2.42 7.13 6.57
N ASN C 138 1.75 8.21 6.18
CA ASN C 138 2.40 9.51 6.01
C ASN C 138 2.24 10.41 7.22
N GLY C 139 1.61 9.91 8.29
CA GLY C 139 1.30 10.76 9.43
C GLY C 139 0.23 11.78 9.15
N GLY C 140 -0.60 11.56 8.14
CA GLY C 140 -1.57 12.55 7.75
C GLY C 140 -2.65 12.79 8.79
N LEU C 141 -3.08 11.72 9.46
CA LEU C 141 -4.15 11.85 10.44
C LEU C 141 -3.72 12.74 11.59
N THR C 142 -4.58 13.68 11.96
CA THR C 142 -4.38 14.52 13.14
C THR C 142 -5.68 14.52 13.92
N ALA C 143 -5.61 14.06 15.18
CA ALA C 143 -6.82 13.90 15.97
C ALA C 143 -7.54 15.22 16.21
N SER C 144 -6.83 16.34 16.18
CA SER C 144 -7.49 17.63 16.27
C SER C 144 -8.39 17.87 15.05
N ARG C 145 -7.90 17.51 13.86
CA ARG C 145 -8.71 17.65 12.66
C ARG C 145 -9.94 16.76 12.70
N LEU C 146 -9.77 15.51 13.16
CA LEU C 146 -10.91 14.61 13.30
C LEU C 146 -11.93 15.17 14.28
N LEU C 147 -11.46 15.72 15.40
CA LEU C 147 -12.36 16.38 16.33
C LEU C 147 -12.99 17.61 15.69
N GLN C 148 -12.20 18.38 14.93
CA GLN C 148 -12.72 19.57 14.26
C GLN C 148 -13.82 19.20 13.26
N LEU C 149 -13.61 18.11 12.51
CA LEU C 149 -14.65 17.65 11.61
C LEU C 149 -15.89 17.20 12.37
N LEU C 150 -15.70 16.52 13.50
CA LEU C 150 -16.83 16.06 14.29
C LEU C 150 -17.53 17.21 15.00
N GLN C 151 -16.78 18.25 15.36
CA GLN C 151 -17.40 19.40 16.03
C GLN C 151 -18.40 20.08 15.12
N ALA C 152 -18.09 20.19 13.82
CA ALA C 152 -19.02 20.79 12.88
C ALA C 152 -20.29 19.95 12.75
N LYS C 153 -20.14 18.62 12.71
CA LYS C 153 -21.30 17.75 12.52
C LYS C 153 -22.15 17.68 13.78
N THR C 154 -21.51 17.59 14.95
CA THR C 154 -22.22 17.43 16.21
C THR C 154 -21.60 18.31 17.28
N GLN C 155 -22.44 19.01 18.02
CA GLN C 155 -22.00 19.92 19.07
C GLN C 155 -21.98 19.27 20.45
N ASP C 156 -22.33 17.99 20.55
CA ASP C 156 -22.32 17.31 21.83
C ASP C 156 -20.89 16.97 22.23
N GLU C 157 -20.53 17.30 23.47
CA GLU C 157 -19.17 17.05 23.94
C GLU C 157 -18.86 15.56 23.96
N GLU C 158 -19.80 14.74 24.43
CA GLU C 158 -19.56 13.31 24.54
C GLU C 158 -19.63 12.60 23.20
N GLU C 159 -20.54 13.01 22.31
CA GLU C 159 -20.68 12.32 21.03
C GLU C 159 -19.44 12.50 20.16
N GLN C 160 -18.77 13.65 20.28
CA GLN C 160 -17.50 13.83 19.58
C GLN C 160 -16.45 12.85 20.09
N ALA C 161 -16.37 12.67 21.41
CA ALA C 161 -15.41 11.72 21.96
C ALA C 161 -15.80 10.29 21.62
N GLU C 162 -17.09 9.97 21.65
CA GLU C 162 -17.53 8.62 21.30
C GLU C 162 -17.21 8.30 19.85
N ALA C 163 -17.42 9.24 18.95
CA ALA C 163 -17.07 9.02 17.55
C ALA C 163 -15.57 8.85 17.37
N LEU C 164 -14.78 9.67 18.07
CA LEU C 164 -13.32 9.50 18.03
C LEU C 164 -12.92 8.15 18.60
N ARG C 165 -13.68 7.64 19.56
CA ARG C 165 -13.34 6.35 20.16
C ARG C 165 -13.46 5.22 19.15
N ARG C 166 -14.31 5.37 18.13
CA ARG C 166 -14.48 4.34 17.13
C ARG C 166 -13.40 4.35 16.07
N ILE C 167 -12.63 5.43 15.96
CA ILE C 167 -11.58 5.54 14.96
C ILE C 167 -10.30 4.99 15.56
N GLN C 168 -9.87 3.82 15.10
CA GLN C 168 -8.64 3.20 15.58
C GLN C 168 -7.50 3.62 14.67
N VAL C 169 -6.56 4.38 15.21
CA VAL C 169 -5.44 4.92 14.45
C VAL C 169 -4.23 4.01 14.70
N VAL C 170 -3.76 3.36 13.63
CA VAL C 170 -2.61 2.47 13.69
C VAL C 170 -1.56 2.98 12.71
N HIS C 171 -0.34 3.18 13.20
CA HIS C 171 0.72 3.76 12.41
C HIS C 171 1.59 2.65 11.83
N ALA C 172 1.71 2.61 10.50
CA ALA C 172 2.55 1.66 9.81
C ALA C 172 3.30 2.39 8.71
N PHE C 173 4.63 2.36 8.76
CA PHE C 173 5.46 3.15 7.86
C PHE C 173 6.29 2.33 6.90
N ASP C 174 6.45 1.05 7.13
CA ASP C 174 7.02 0.13 6.15
C ASP C 174 5.95 -0.82 5.65
N ILE C 175 6.25 -1.50 4.54
CA ILE C 175 5.27 -2.38 3.93
C ILE C 175 4.91 -3.53 4.86
N PHE C 176 5.92 -4.10 5.53
CA PHE C 176 5.67 -5.25 6.40
C PHE C 176 4.86 -4.86 7.63
N GLN C 177 5.09 -3.66 8.16
CA GLN C 177 4.24 -3.17 9.23
C GLN C 177 2.80 -3.01 8.75
N MET C 178 2.61 -2.43 7.57
CA MET C 178 1.27 -2.29 7.02
C MET C 178 0.64 -3.63 6.73
N LEU C 179 1.42 -4.57 6.19
CA LEU C 179 0.92 -5.92 5.98
C LEU C 179 0.57 -6.59 7.29
N ASP C 180 1.37 -6.36 8.33
CA ASP C 180 1.07 -6.92 9.64
C ASP C 180 -0.25 -6.37 10.18
N VAL C 181 -0.48 -5.07 10.01
CA VAL C 181 -1.70 -4.45 10.54
C VAL C 181 -2.93 -5.04 9.86
N LEU C 182 -2.89 -5.16 8.53
CA LEU C 182 -4.03 -5.70 7.79
C LEU C 182 -4.26 -7.16 8.15
N GLN C 183 -3.18 -7.95 8.26
CA GLN C 183 -3.33 -9.35 8.67
C GLN C 183 -3.81 -9.46 10.10
N GLU C 184 -3.29 -8.61 11.00
CA GLU C 184 -3.80 -8.61 12.37
C GLU C 184 -5.27 -8.21 12.41
N LEU C 185 -5.64 -7.22 11.60
CA LEU C 185 -7.06 -6.84 11.51
C LEU C 185 -7.89 -7.98 10.94
N ARG C 186 -7.40 -8.65 9.90
CA ARG C 186 -8.16 -9.72 9.28
C ARG C 186 -8.38 -10.88 10.24
N GLY C 187 -7.39 -11.17 11.09
CA GLY C 187 -7.61 -12.16 12.13
C GLY C 187 -8.61 -11.70 13.17
N THR C 188 -8.59 -10.40 13.51
CA THR C 188 -9.55 -9.87 14.48
C THR C 188 -10.98 -10.02 13.97
N VAL C 189 -11.21 -9.73 12.69
CA VAL C 189 -12.55 -9.86 12.12
C VAL C 189 -12.97 -11.32 12.08
N ALA C 190 -12.01 -12.22 11.81
CA ALA C 190 -12.35 -13.63 11.75
C ALA C 190 -12.74 -14.18 13.12
N GLN C 191 -12.16 -13.65 14.19
CA GLN C 191 -12.42 -14.16 15.53
C GLN C 191 -13.65 -13.56 16.19
N GLN C 192 -14.26 -12.54 15.60
CA GLN C 192 -15.45 -11.93 16.17
C GLN C 192 -16.71 -12.43 15.45
N SER C 197 -19.63 -6.40 20.30
CA SER C 197 -18.78 -5.27 19.97
C SER C 197 -18.68 -5.08 18.46
N GLY C 198 -18.96 -3.87 18.00
CA GLY C 198 -18.88 -3.56 16.58
C GLY C 198 -17.50 -3.74 15.99
N THR C 199 -17.42 -4.42 14.86
CA THR C 199 -16.15 -4.65 14.18
C THR C 199 -15.80 -3.45 13.31
N VAL C 200 -14.64 -3.51 12.67
CA VAL C 200 -14.18 -2.43 11.80
C VAL C 200 -14.92 -2.50 10.48
N LYS C 201 -15.55 -1.39 10.09
CA LYS C 201 -16.29 -1.31 8.85
C LYS C 201 -15.58 -0.53 7.76
N VAL C 202 -14.67 0.36 8.11
CA VAL C 202 -13.91 1.15 7.15
C VAL C 202 -12.44 1.04 7.48
N VAL C 203 -11.63 0.75 6.47
CA VAL C 203 -10.18 0.73 6.60
C VAL C 203 -9.62 1.81 5.67
N VAL C 204 -8.92 2.77 6.25
CA VAL C 204 -8.35 3.88 5.49
C VAL C 204 -6.84 3.75 5.54
N VAL C 205 -6.22 3.64 4.37
CA VAL C 205 -4.77 3.55 4.25
C VAL C 205 -4.28 4.85 3.63
N ASP C 206 -3.53 5.63 4.41
CA ASP C 206 -3.03 6.93 3.97
C ASP C 206 -1.55 7.02 4.34
N SER C 207 -0.69 6.68 3.39
CA SER C 207 -1.05 6.30 2.04
C SER C 207 -0.35 5.02 1.60
N VAL C 208 -0.94 4.32 0.64
CA VAL C 208 -0.31 3.12 0.10
C VAL C 208 1.01 3.48 -0.58
N THR C 209 1.00 4.58 -1.36
CA THR C 209 2.20 4.98 -2.08
C THR C 209 3.34 5.33 -1.12
N ALA C 210 3.01 5.72 0.10
CA ALA C 210 4.05 6.09 1.06
C ALA C 210 4.97 4.91 1.37
N VAL C 211 4.41 3.72 1.55
CA VAL C 211 5.20 2.56 1.92
C VAL C 211 5.66 1.75 0.70
N VAL C 212 4.91 1.79 -0.40
CA VAL C 212 5.23 0.95 -1.54
C VAL C 212 6.30 1.60 -2.41
N SER C 213 6.29 2.93 -2.53
CA SER C 213 7.26 3.61 -3.38
C SER C 213 8.71 3.31 -3.01
N PRO C 214 9.12 3.26 -1.73
CA PRO C 214 10.50 2.84 -1.44
C PRO C 214 10.82 1.44 -1.94
N LEU C 215 9.83 0.54 -1.97
CA LEU C 215 10.07 -0.81 -2.48
C LEU C 215 10.41 -0.78 -3.96
N LEU C 216 9.67 0.02 -4.74
CA LEU C 216 9.91 0.09 -6.18
C LEU C 216 11.25 0.72 -6.47
N GLY C 217 11.88 0.27 -7.55
CA GLY C 217 13.19 0.77 -7.93
C GLY C 217 14.22 -0.33 -8.05
N GLY C 218 15.04 -0.26 -9.09
CA GLY C 218 16.05 -1.27 -9.32
C GLY C 218 15.51 -2.47 -10.08
N GLN C 219 16.42 -3.42 -10.32
CA GLN C 219 16.07 -4.61 -11.07
C GLN C 219 15.17 -5.54 -10.28
N GLN C 220 15.08 -5.37 -8.96
CA GLN C 220 14.29 -6.27 -8.14
C GLN C 220 12.80 -6.13 -8.44
N ARG C 221 12.12 -7.26 -8.49
CA ARG C 221 10.66 -7.30 -8.61
C ARG C 221 9.97 -7.59 -7.29
N GLU C 222 10.73 -7.67 -6.19
CA GLU C 222 10.12 -7.93 -4.90
C GLU C 222 9.23 -6.79 -4.45
N GLY C 223 9.52 -5.57 -4.88
CA GLY C 223 8.64 -4.45 -4.57
C GLY C 223 7.25 -4.61 -5.17
N LEU C 224 7.20 -5.09 -6.42
CA LEU C 224 5.91 -5.36 -7.04
C LEU C 224 5.16 -6.48 -6.32
N ALA C 225 5.89 -7.52 -5.90
CA ALA C 225 5.25 -8.60 -5.16
C ALA C 225 4.68 -8.11 -3.84
N LEU C 226 5.45 -7.31 -3.10
CA LEU C 226 4.93 -6.73 -1.86
C LEU C 226 3.75 -5.80 -2.14
N MET C 227 3.82 -5.04 -3.23
CA MET C 227 2.70 -4.20 -3.63
C MET C 227 1.46 -5.04 -3.91
N MET C 228 1.62 -6.11 -4.71
CA MET C 228 0.48 -6.96 -5.01
C MET C 228 0.01 -7.73 -3.80
N GLN C 229 0.94 -8.13 -2.92
CA GLN C 229 0.52 -8.74 -1.66
C GLN C 229 -0.24 -7.75 -0.79
N LEU C 230 0.24 -6.50 -0.72
CA LEU C 230 -0.54 -5.46 -0.07
C LEU C 230 -1.87 -5.26 -0.77
N ALA C 231 -1.86 -5.26 -2.10
CA ALA C 231 -3.09 -5.20 -2.87
C ALA C 231 -3.99 -6.38 -2.56
N ARG C 232 -3.41 -7.57 -2.45
CA ARG C 232 -4.19 -8.75 -2.12
C ARG C 232 -4.78 -8.64 -0.72
N GLU C 233 -4.00 -8.13 0.23
CA GLU C 233 -4.51 -7.96 1.59
C GLU C 233 -5.67 -6.96 1.63
N LEU C 234 -5.54 -5.86 0.89
CA LEU C 234 -6.60 -4.86 0.86
C LEU C 234 -7.89 -5.44 0.28
N LYS C 235 -7.77 -6.21 -0.81
CA LYS C 235 -8.95 -6.76 -1.45
C LYS C 235 -9.54 -7.92 -0.66
N THR C 236 -8.72 -8.69 0.05
CA THR C 236 -9.26 -9.70 0.95
C THR C 236 -10.02 -9.05 2.10
N LEU C 237 -9.49 -7.96 2.65
CA LEU C 237 -10.22 -7.21 3.66
C LEU C 237 -11.53 -6.66 3.09
N ALA C 238 -11.49 -6.11 1.88
CA ALA C 238 -12.67 -5.51 1.30
C ALA C 238 -13.71 -6.57 0.94
N ARG C 239 -13.37 -7.47 0.01
CA ARG C 239 -14.39 -8.35 -0.55
C ARG C 239 -14.79 -9.46 0.42
N ASP C 240 -13.81 -10.11 1.05
CA ASP C 240 -14.13 -11.24 1.91
C ASP C 240 -14.78 -10.79 3.21
N LEU C 241 -14.22 -9.76 3.84
CA LEU C 241 -14.72 -9.30 5.12
C LEU C 241 -15.80 -8.23 5.00
N GLY C 242 -16.09 -7.76 3.79
CA GLY C 242 -17.18 -6.83 3.57
C GLY C 242 -17.02 -5.48 4.24
N MET C 243 -15.83 -4.89 4.12
CA MET C 243 -15.58 -3.57 4.68
C MET C 243 -15.06 -2.64 3.58
N ALA C 244 -15.46 -1.38 3.66
CA ALA C 244 -15.13 -0.38 2.65
C ALA C 244 -13.68 0.05 2.83
N VAL C 245 -12.78 -0.66 2.16
CA VAL C 245 -11.36 -0.32 2.22
C VAL C 245 -11.10 0.90 1.36
N VAL C 246 -10.50 1.93 1.95
CA VAL C 246 -10.18 3.17 1.27
C VAL C 246 -8.67 3.36 1.33
N VAL C 247 -8.06 3.62 0.18
CA VAL C 247 -6.61 3.79 0.11
C VAL C 247 -6.31 5.14 -0.52
N THR C 248 -5.11 5.63 -0.24
CA THR C 248 -4.64 6.92 -0.72
C THR C 248 -3.41 6.72 -1.59
N ASN C 249 -3.37 7.37 -2.74
CA ASN C 249 -2.29 7.20 -3.70
C ASN C 249 -1.80 8.56 -4.18
N HIS C 250 -0.51 8.63 -4.48
CA HIS C 250 0.07 9.85 -5.01
C HIS C 250 -0.21 9.95 -6.51
N ILE C 251 -0.04 11.15 -7.05
CA ILE C 251 -0.18 11.38 -8.48
C ILE C 251 1.22 11.45 -9.08
N THR C 252 1.32 11.07 -10.35
CA THR C 252 2.58 11.17 -11.08
C THR C 252 2.26 11.48 -12.53
N ARG C 253 3.23 12.10 -13.21
CA ARG C 253 3.10 12.46 -14.61
C ARG C 253 3.75 11.38 -15.47
N ASP C 254 3.05 10.97 -16.52
CA ASP C 254 3.55 9.89 -17.36
C ASP C 254 4.84 10.27 -18.06
N ARG C 255 5.76 9.31 -18.14
CA ARG C 255 7.04 9.56 -18.78
C ARG C 255 6.86 9.83 -20.27
N ASP C 256 5.98 9.09 -20.93
CA ASP C 256 5.80 9.21 -22.37
C ASP C 256 4.72 10.22 -22.74
N SER C 257 3.49 9.99 -22.30
CA SER C 257 2.38 10.85 -22.68
C SER C 257 2.35 12.17 -21.92
N GLY C 258 3.03 12.25 -20.79
CA GLY C 258 3.05 13.47 -20.01
C GLY C 258 1.69 13.88 -19.45
N ARG C 259 0.98 12.92 -18.88
CA ARG C 259 -0.33 13.17 -18.29
C ARG C 259 -0.39 12.55 -16.90
N LEU C 260 -1.31 13.06 -16.08
CA LEU C 260 -1.41 12.62 -14.70
C LEU C 260 -1.98 11.22 -14.62
N LYS C 261 -1.26 10.32 -13.95
CA LYS C 261 -1.67 8.95 -13.77
C LYS C 261 -1.37 8.55 -12.33
N PRO C 262 -2.06 7.53 -11.81
CA PRO C 262 -1.76 7.08 -10.45
C PRO C 262 -0.34 6.55 -10.34
N ALA C 263 0.22 6.69 -9.14
CA ALA C 263 1.60 6.28 -8.89
C ALA C 263 1.68 4.76 -8.74
N LEU C 264 2.84 4.27 -8.30
CA LEU C 264 3.08 2.84 -8.07
C LEU C 264 2.98 2.04 -9.36
N GLY C 265 3.33 2.65 -10.48
CA GLY C 265 3.42 1.94 -11.74
C GLY C 265 2.07 1.48 -12.27
N ARG C 266 2.13 0.75 -13.38
CA ARG C 266 0.92 0.24 -14.01
C ARG C 266 0.34 -0.96 -13.28
N SER C 267 1.18 -1.72 -12.57
CA SER C 267 0.70 -2.91 -11.89
C SER C 267 -0.33 -2.56 -10.82
N TRP C 268 -0.10 -1.48 -10.08
CA TRP C 268 -1.05 -1.06 -9.06
C TRP C 268 -2.31 -0.45 -9.65
N SER C 269 -2.26 -0.01 -10.91
CA SER C 269 -3.41 0.66 -11.52
C SER C 269 -4.62 -0.26 -11.64
N PHE C 270 -4.43 -1.58 -11.60
CA PHE C 270 -5.53 -2.53 -11.68
C PHE C 270 -6.07 -2.91 -10.31
N VAL C 271 -5.53 -2.36 -9.24
CA VAL C 271 -5.87 -2.81 -7.89
C VAL C 271 -7.22 -2.25 -7.41
N PRO C 272 -7.44 -0.94 -7.40
CA PRO C 272 -8.69 -0.43 -6.82
C PRO C 272 -9.88 -0.66 -7.73
N SER C 273 -11.03 -0.93 -7.13
CA SER C 273 -12.26 -1.03 -7.90
C SER C 273 -12.77 0.34 -8.31
N THR C 274 -12.63 1.33 -7.43
CA THR C 274 -13.03 2.70 -7.70
C THR C 274 -11.87 3.62 -7.37
N ARG C 275 -11.64 4.62 -8.22
CA ARG C 275 -10.56 5.57 -8.02
C ARG C 275 -11.07 6.98 -8.21
N ILE C 276 -10.71 7.87 -7.28
CA ILE C 276 -11.10 9.27 -7.32
C ILE C 276 -9.83 10.11 -7.49
N LEU C 277 -9.86 10.99 -8.49
CA LEU C 277 -8.73 11.87 -8.77
C LEU C 277 -9.04 13.25 -8.18
N LEU C 278 -8.19 13.72 -7.28
CA LEU C 278 -8.34 15.03 -6.66
C LEU C 278 -7.23 15.95 -7.20
N ASP C 279 -7.64 17.05 -7.82
CA ASP C 279 -6.70 18.02 -8.34
C ASP C 279 -7.23 19.42 -8.07
N THR C 280 -6.31 20.32 -7.70
CA THR C 280 -6.70 21.70 -7.43
C THR C 280 -7.19 22.37 -8.70
N ILE C 281 -8.23 23.18 -8.57
CA ILE C 281 -8.83 23.87 -9.72
C ILE C 281 -7.84 24.82 -10.37
N GLY C 288 -8.99 28.34 -2.03
CA GLY C 288 -7.94 27.52 -1.45
C GLY C 288 -8.40 26.12 -1.11
N GLY C 289 -9.65 26.00 -0.68
CA GLY C 289 -10.22 24.70 -0.32
C GLY C 289 -10.96 23.99 -1.42
N ARG C 290 -11.25 24.67 -2.53
CA ARG C 290 -11.97 24.04 -3.62
C ARG C 290 -11.08 23.04 -4.35
N ARG C 291 -11.65 21.87 -4.65
CA ARG C 291 -10.95 20.81 -5.35
C ARG C 291 -11.87 20.24 -6.42
N MET C 292 -11.28 19.52 -7.37
CA MET C 292 -12.04 18.81 -8.39
C MET C 292 -11.87 17.32 -8.16
N ALA C 293 -12.98 16.61 -8.00
CA ALA C 293 -12.99 15.18 -7.79
C ALA C 293 -13.42 14.52 -9.10
N CYS C 294 -12.46 13.96 -9.82
CA CYS C 294 -12.71 13.28 -11.08
C CYS C 294 -12.64 11.78 -10.86
N LEU C 295 -13.65 11.06 -11.35
CA LEU C 295 -13.73 9.61 -11.18
C LEU C 295 -12.78 8.97 -12.19
N ALA C 296 -11.52 8.82 -11.77
CA ALA C 296 -10.49 8.31 -12.67
C ALA C 296 -10.77 6.86 -13.06
N LYS C 297 -11.26 6.05 -12.13
CA LYS C 297 -11.63 4.68 -12.41
C LYS C 297 -12.89 4.34 -11.63
N SER C 298 -13.84 3.70 -12.30
CA SER C 298 -15.08 3.28 -11.65
C SER C 298 -15.56 1.99 -12.31
N SER C 299 -16.17 1.14 -11.49
CA SER C 299 -16.78 -0.09 -12.00
C SER C 299 -18.26 0.08 -12.28
N ARG C 300 -18.85 1.22 -11.95
CA ARG C 300 -20.29 1.44 -12.12
C ARG C 300 -20.65 2.76 -12.80
N GLN C 301 -19.72 3.71 -12.89
CA GLN C 301 -20.03 5.02 -13.44
C GLN C 301 -19.04 5.39 -14.53
N PRO C 302 -19.43 6.26 -15.45
CA PRO C 302 -18.49 6.71 -16.49
C PRO C 302 -17.29 7.40 -15.89
N THR C 303 -16.13 7.17 -16.50
CA THR C 303 -14.88 7.81 -16.08
C THR C 303 -14.75 9.16 -16.77
N GLY C 304 -14.57 10.22 -15.98
CA GLY C 304 -14.40 11.54 -16.53
C GLY C 304 -15.26 12.59 -15.86
N PHE C 305 -16.36 12.16 -15.24
CA PHE C 305 -17.22 13.10 -14.53
C PHE C 305 -16.49 13.68 -13.34
N GLN C 306 -16.53 15.00 -13.20
CA GLN C 306 -15.84 15.70 -12.12
C GLN C 306 -16.79 16.69 -11.47
N GLU C 307 -16.73 16.76 -10.14
CA GLU C 307 -17.59 17.65 -9.37
C GLU C 307 -16.74 18.43 -8.38
N MET C 308 -17.16 19.67 -8.11
CA MET C 308 -16.43 20.52 -7.18
C MET C 308 -16.53 19.97 -5.77
N VAL C 309 -15.41 20.03 -5.04
CA VAL C 309 -15.35 19.56 -3.66
C VAL C 309 -14.63 20.63 -2.85
N ASP C 310 -15.33 21.23 -1.90
CA ASP C 310 -14.78 22.30 -1.07
C ASP C 310 -14.49 21.79 0.33
N ILE C 311 -13.28 22.05 0.81
CA ILE C 311 -12.87 21.56 2.13
C ILE C 311 -13.59 22.31 3.25
N GLY C 312 -13.80 23.61 3.10
CA GLY C 312 -14.39 24.41 4.17
C GLY C 312 -15.85 24.10 4.45
N THR C 313 -16.55 23.46 3.51
CA THR C 313 -17.96 23.13 3.72
C THR C 313 -18.11 21.95 4.68
N TRP C 314 -17.13 21.05 4.68
CA TRP C 314 -17.17 19.84 5.50
C TRP C 314 -17.33 20.14 6.98
N ARG D 21 -23.26 -27.10 -27.57
CA ARG D 21 -22.78 -25.78 -27.18
C ARG D 21 -23.28 -24.70 -28.12
N SER D 22 -22.63 -23.54 -28.06
CA SER D 22 -22.98 -22.40 -28.89
C SER D 22 -21.72 -21.85 -29.55
N SER D 23 -21.85 -21.41 -30.79
CA SER D 23 -20.72 -20.85 -31.51
C SER D 23 -20.27 -19.55 -30.86
N LEU D 24 -18.99 -19.23 -31.04
CA LEU D 24 -18.47 -17.95 -30.54
C LEU D 24 -19.16 -16.79 -31.23
N LYS D 25 -19.35 -16.87 -32.55
CA LYS D 25 -20.14 -15.86 -33.25
C LYS D 25 -21.60 -15.85 -32.82
N GLU D 26 -22.07 -16.93 -32.20
CA GLU D 26 -23.40 -16.95 -31.61
C GLU D 26 -23.43 -16.33 -30.22
N ILE D 27 -22.28 -16.13 -29.59
CA ILE D 27 -22.20 -15.49 -28.29
C ILE D 27 -22.19 -13.99 -28.49
N GLU D 28 -21.18 -13.47 -29.18
CA GLU D 28 -21.10 -12.07 -29.54
C GLU D 28 -20.78 -11.95 -31.02
N PRO D 29 -21.77 -11.68 -31.87
CA PRO D 29 -21.51 -11.61 -33.31
C PRO D 29 -20.52 -10.53 -33.70
N ASN D 30 -20.45 -9.43 -32.94
CA ASN D 30 -19.64 -8.29 -33.35
C ASN D 30 -18.15 -8.61 -33.30
N LEU D 31 -17.68 -9.17 -32.19
CA LEU D 31 -16.26 -9.51 -32.09
C LEU D 31 -15.90 -10.66 -33.01
N PHE D 32 -16.72 -11.71 -33.04
CA PHE D 32 -16.45 -12.89 -33.84
C PHE D 32 -17.26 -12.82 -35.13
N ALA D 33 -16.84 -11.91 -36.01
CA ALA D 33 -17.52 -11.76 -37.30
C ALA D 33 -17.42 -13.03 -38.12
N ASP D 34 -16.24 -13.65 -38.16
CA ASP D 34 -16.04 -14.87 -38.89
C ASP D 34 -16.56 -16.07 -38.08
N GLU D 35 -16.61 -17.22 -38.73
CA GLU D 35 -17.04 -18.46 -38.09
C GLU D 35 -15.93 -18.96 -37.19
N ASP D 36 -16.08 -18.73 -35.89
CA ASP D 36 -15.08 -19.18 -34.93
C ASP D 36 -15.71 -19.41 -33.56
N VAL D 39 -16.55 -22.62 -30.60
CA VAL D 39 -17.32 -23.80 -30.28
C VAL D 39 -16.40 -24.96 -29.89
N HIS D 40 -16.79 -25.67 -28.84
CA HIS D 40 -16.11 -26.89 -28.36
C HIS D 40 -14.62 -26.67 -28.12
N GLY D 41 -14.33 -25.84 -27.11
CA GLY D 41 -12.98 -25.73 -26.60
C GLY D 41 -12.14 -24.59 -27.13
N ASP D 42 -12.66 -23.37 -27.07
CA ASP D 42 -11.91 -22.18 -27.48
C ASP D 42 -11.48 -21.40 -26.24
N ILE D 43 -10.20 -21.02 -26.20
CA ILE D 43 -9.64 -20.26 -25.10
C ILE D 43 -9.20 -18.91 -25.65
N LEU D 44 -9.73 -17.84 -25.06
CA LEU D 44 -9.51 -16.48 -25.54
C LEU D 44 -8.96 -15.61 -24.42
N GLU D 45 -8.16 -14.63 -24.81
CA GLU D 45 -7.43 -13.79 -23.86
C GLU D 45 -7.86 -12.34 -24.02
N PHE D 46 -8.13 -11.68 -22.90
CA PHE D 46 -8.40 -10.25 -22.86
C PHE D 46 -7.19 -9.54 -22.27
N HIS D 47 -6.66 -8.56 -23.00
CA HIS D 47 -5.48 -7.84 -22.57
C HIS D 47 -5.72 -6.34 -22.72
N GLY D 48 -5.11 -5.56 -21.82
CA GLY D 48 -5.22 -4.13 -21.89
C GLY D 48 -5.03 -3.46 -20.54
N PRO D 49 -4.83 -2.15 -20.56
CA PRO D 49 -4.67 -1.40 -19.30
C PRO D 49 -5.96 -1.32 -18.49
N GLU D 50 -5.91 -0.62 -17.37
CA GLU D 50 -7.07 -0.52 -16.49
C GLU D 50 -8.14 0.39 -17.09
N GLY D 51 -9.39 0.07 -16.83
CA GLY D 51 -10.50 0.87 -17.29
C GLY D 51 -10.81 0.75 -18.76
N THR D 52 -10.17 -0.17 -19.46
CA THR D 52 -10.30 -0.29 -20.90
C THR D 52 -11.46 -1.19 -21.32
N GLY D 53 -12.25 -1.67 -20.37
CA GLY D 53 -13.42 -2.46 -20.69
C GLY D 53 -13.25 -3.96 -20.64
N LYS D 54 -12.17 -4.46 -20.06
CA LYS D 54 -11.96 -5.91 -20.01
C LYS D 54 -13.05 -6.58 -19.19
N THR D 55 -13.28 -6.11 -17.97
CA THR D 55 -14.32 -6.70 -17.14
C THR D 55 -15.71 -6.38 -17.68
N GLU D 56 -15.89 -5.18 -18.23
CA GLU D 56 -17.18 -4.82 -18.80
C GLU D 56 -17.53 -5.66 -20.02
N MET D 57 -16.53 -6.08 -20.78
CA MET D 57 -16.78 -7.01 -21.88
C MET D 57 -17.21 -8.37 -21.35
N LEU D 58 -16.63 -8.80 -20.22
CA LEU D 58 -17.06 -10.05 -19.60
C LEU D 58 -18.50 -9.97 -19.16
N TYR D 59 -18.91 -8.82 -18.60
CA TYR D 59 -20.31 -8.65 -18.19
C TYR D 59 -21.24 -8.74 -19.38
N HIS D 60 -20.84 -8.16 -20.51
CA HIS D 60 -21.62 -8.32 -21.74
C HIS D 60 -21.64 -9.78 -22.19
N LEU D 61 -20.49 -10.46 -22.10
CA LEU D 61 -20.44 -11.88 -22.39
C LEU D 61 -21.26 -12.66 -21.38
N THR D 62 -21.17 -12.29 -20.09
CA THR D 62 -21.99 -12.94 -19.08
C THR D 62 -23.48 -12.66 -19.34
N ALA D 63 -23.81 -11.43 -19.71
CA ALA D 63 -25.21 -11.07 -19.93
C ALA D 63 -25.80 -11.89 -21.07
N ARG D 64 -25.10 -11.97 -22.20
CA ARG D 64 -25.64 -12.68 -23.34
C ARG D 64 -25.72 -14.18 -23.14
N CYS D 65 -25.12 -14.70 -22.06
CA CYS D 65 -25.20 -16.13 -21.76
C CYS D 65 -26.19 -16.44 -20.65
N ILE D 66 -26.34 -15.57 -19.65
CA ILE D 66 -27.23 -15.85 -18.52
C ILE D 66 -28.62 -15.26 -18.70
N LEU D 67 -28.80 -14.34 -19.65
CA LEU D 67 -30.14 -13.83 -19.93
C LEU D 67 -30.97 -14.89 -20.65
N PRO D 68 -32.28 -14.85 -20.49
CA PRO D 68 -33.12 -15.90 -21.07
C PRO D 68 -33.17 -15.81 -22.59
N LYS D 69 -33.50 -16.94 -23.21
CA LYS D 69 -33.66 -16.97 -24.65
C LYS D 69 -34.81 -16.08 -25.10
N SER D 70 -35.80 -15.87 -24.23
CA SER D 70 -36.87 -14.94 -24.55
C SER D 70 -36.34 -13.52 -24.72
N GLU D 71 -35.44 -13.09 -23.82
CA GLU D 71 -34.83 -11.77 -23.95
C GLU D 71 -33.92 -11.69 -25.17
N GLY D 72 -33.10 -12.71 -25.38
CA GLY D 72 -32.14 -12.70 -26.47
C GLY D 72 -30.83 -13.34 -26.09
N GLY D 73 -30.68 -13.68 -24.82
CA GLY D 73 -29.47 -14.34 -24.37
C GLY D 73 -29.46 -15.83 -24.70
N LEU D 74 -28.31 -16.46 -24.45
CA LEU D 74 -28.14 -17.87 -24.75
C LEU D 74 -28.72 -18.77 -23.67
N GLU D 75 -29.00 -18.23 -22.48
CA GLU D 75 -29.55 -18.99 -21.36
C GLU D 75 -28.66 -20.18 -21.01
N VAL D 76 -27.37 -19.91 -20.85
CA VAL D 76 -26.40 -20.92 -20.44
C VAL D 76 -25.64 -20.40 -19.24
N GLU D 77 -25.15 -21.32 -18.42
CA GLU D 77 -24.52 -20.96 -17.16
C GLU D 77 -23.13 -20.39 -17.39
N VAL D 78 -22.72 -19.50 -16.50
CA VAL D 78 -21.45 -18.80 -16.60
C VAL D 78 -20.71 -18.96 -15.27
N LEU D 79 -19.45 -19.34 -15.33
CA LEU D 79 -18.58 -19.44 -14.16
C LEU D 79 -17.58 -18.30 -14.20
N PHE D 80 -17.54 -17.51 -13.13
CA PHE D 80 -16.62 -16.39 -13.02
C PHE D 80 -15.60 -16.70 -11.94
N ILE D 81 -14.33 -16.75 -12.31
CA ILE D 81 -13.24 -16.95 -11.36
C ILE D 81 -12.63 -15.57 -11.12
N ASP D 82 -13.14 -14.87 -10.11
CA ASP D 82 -12.69 -13.51 -9.80
C ASP D 82 -11.42 -13.57 -8.95
N THR D 83 -10.31 -13.88 -9.61
CA THR D 83 -9.03 -13.86 -8.95
C THR D 83 -8.56 -12.45 -8.62
N ASP D 84 -9.20 -11.42 -9.19
CA ASP D 84 -8.81 -10.03 -8.98
C ASP D 84 -9.67 -9.32 -7.97
N TYR D 85 -10.70 -9.99 -7.42
CA TYR D 85 -11.59 -9.40 -6.42
C TYR D 85 -12.20 -8.09 -6.90
N HIS D 86 -12.59 -8.05 -8.18
CA HIS D 86 -13.14 -6.85 -8.78
C HIS D 86 -14.53 -7.03 -9.37
N PHE D 87 -15.14 -8.20 -9.21
CA PHE D 87 -16.49 -8.40 -9.71
C PHE D 87 -17.48 -7.59 -8.89
N ASP D 88 -18.15 -6.65 -9.55
CA ASP D 88 -19.17 -5.82 -8.90
C ASP D 88 -20.53 -6.42 -9.27
N MET D 89 -21.15 -7.11 -8.31
CA MET D 89 -22.41 -7.78 -8.59
C MET D 89 -23.51 -6.78 -8.94
N LEU D 90 -23.55 -5.65 -8.23
CA LEU D 90 -24.55 -4.64 -8.52
C LEU D 90 -24.39 -4.09 -9.93
N ARG D 91 -23.15 -3.99 -10.42
CA ARG D 91 -22.94 -3.57 -11.80
C ARG D 91 -23.53 -4.58 -12.78
N LEU D 92 -23.32 -5.88 -12.52
CA LEU D 92 -23.89 -6.91 -13.38
C LEU D 92 -25.41 -6.87 -13.33
N VAL D 93 -25.97 -6.65 -12.15
CA VAL D 93 -27.43 -6.49 -12.04
C VAL D 93 -27.88 -5.27 -12.83
N THR D 94 -27.10 -4.19 -12.77
CA THR D 94 -27.44 -2.99 -13.53
C THR D 94 -27.45 -3.27 -15.02
N ILE D 95 -26.45 -4.00 -15.51
CA ILE D 95 -26.41 -4.36 -16.92
C ILE D 95 -27.56 -5.28 -17.26
N LEU D 96 -27.81 -6.28 -16.41
CA LEU D 96 -28.83 -7.28 -16.73
C LEU D 96 -30.23 -6.67 -16.77
N GLU D 97 -30.54 -5.77 -15.85
CA GLU D 97 -31.87 -5.18 -15.83
C GLU D 97 -32.10 -4.26 -17.02
N HIS D 98 -31.05 -3.59 -17.50
CA HIS D 98 -31.20 -2.75 -18.67
C HIS D 98 -31.42 -3.59 -19.92
N ARG D 99 -30.73 -4.72 -20.03
CA ARG D 99 -30.91 -5.58 -21.19
C ARG D 99 -32.22 -6.35 -21.17
N LEU D 100 -32.94 -6.33 -20.05
CA LEU D 100 -34.22 -7.02 -19.94
C LEU D 100 -35.36 -6.08 -20.32
N SER D 101 -36.24 -6.55 -21.20
CA SER D 101 -37.38 -5.74 -21.60
C SER D 101 -38.33 -5.52 -20.44
N GLN D 102 -38.57 -6.55 -19.62
CA GLN D 102 -39.41 -6.46 -18.44
C GLN D 102 -38.56 -6.81 -17.22
N SER D 103 -37.97 -5.79 -16.60
CA SER D 103 -37.12 -6.00 -15.44
C SER D 103 -37.98 -6.31 -14.22
N SER D 104 -37.59 -7.35 -13.48
CA SER D 104 -38.28 -7.73 -12.26
C SER D 104 -37.30 -8.39 -11.32
N GLU D 105 -37.62 -8.38 -10.03
CA GLU D 105 -36.78 -9.06 -9.06
C GLU D 105 -36.73 -10.56 -9.30
N GLU D 106 -37.83 -11.13 -9.80
CA GLU D 106 -37.85 -12.56 -10.09
C GLU D 106 -36.96 -12.89 -11.28
N ILE D 107 -37.01 -12.07 -12.34
CA ILE D 107 -36.24 -12.37 -13.54
C ILE D 107 -34.76 -12.14 -13.29
N ILE D 108 -34.40 -11.07 -12.59
CA ILE D 108 -33.00 -10.83 -12.27
C ILE D 108 -32.45 -11.94 -11.38
N LYS D 109 -33.30 -12.53 -10.55
CA LYS D 109 -32.88 -13.67 -9.74
C LYS D 109 -32.62 -14.89 -10.60
N TYR D 110 -33.54 -15.19 -11.51
CA TYR D 110 -33.37 -16.36 -12.38
C TYR D 110 -32.17 -16.19 -13.29
N CYS D 111 -31.98 -14.99 -13.84
CA CYS D 111 -30.83 -14.75 -14.71
C CYS D 111 -29.52 -14.92 -13.95
N LEU D 112 -29.45 -14.40 -12.73
CA LEU D 112 -28.26 -14.59 -11.91
C LEU D 112 -28.18 -16.01 -11.36
N GLY D 113 -29.27 -16.77 -11.42
CA GLY D 113 -29.23 -18.17 -10.99
C GLY D 113 -28.35 -19.03 -11.85
N ARG D 114 -28.06 -18.60 -13.08
CA ARG D 114 -27.13 -19.30 -13.96
C ARG D 114 -25.72 -18.75 -13.85
N PHE D 115 -25.47 -17.77 -12.99
CA PHE D 115 -24.15 -17.19 -12.82
C PHE D 115 -23.51 -17.75 -11.55
N PHE D 116 -22.28 -18.23 -11.68
CA PHE D 116 -21.52 -18.78 -10.57
C PHE D 116 -20.23 -18.01 -10.42
N LEU D 117 -19.89 -17.64 -9.19
CA LEU D 117 -18.72 -16.84 -8.90
C LEU D 117 -17.82 -17.56 -7.90
N VAL D 118 -16.52 -17.57 -8.19
CA VAL D 118 -15.52 -18.19 -7.31
C VAL D 118 -14.43 -17.17 -7.05
N TYR D 119 -14.03 -17.04 -5.78
CA TYR D 119 -12.96 -16.14 -5.39
C TYR D 119 -11.71 -16.95 -5.09
N CYS D 120 -10.63 -16.66 -5.82
CA CYS D 120 -9.35 -17.32 -5.61
C CYS D 120 -8.33 -16.27 -5.17
N SER D 121 -7.83 -16.42 -3.96
CA SER D 121 -6.91 -15.45 -3.37
C SER D 121 -5.45 -15.70 -3.71
N SER D 122 -5.13 -16.85 -4.29
CA SER D 122 -3.75 -17.16 -4.65
C SER D 122 -3.73 -18.16 -5.78
N SER D 123 -2.56 -18.27 -6.43
CA SER D 123 -2.43 -19.18 -7.56
C SER D 123 -2.68 -20.63 -7.14
N THR D 124 -2.11 -21.04 -6.00
CA THR D 124 -2.38 -22.39 -5.50
C THR D 124 -3.85 -22.54 -5.11
N HIS D 125 -4.44 -21.50 -4.53
CA HIS D 125 -5.87 -21.51 -4.28
C HIS D 125 -6.64 -21.59 -5.60
N LEU D 126 -6.18 -20.85 -6.62
CA LEU D 126 -6.77 -20.97 -7.94
C LEU D 126 -6.56 -22.36 -8.52
N LEU D 127 -5.36 -22.92 -8.34
CA LEU D 127 -5.07 -24.25 -8.87
C LEU D 127 -5.94 -25.31 -8.20
N LEU D 128 -6.01 -25.29 -6.86
CA LEU D 128 -6.86 -26.24 -6.16
C LEU D 128 -8.33 -26.03 -6.50
N THR D 129 -8.73 -24.76 -6.73
CA THR D 129 -10.10 -24.51 -7.14
C THR D 129 -10.41 -25.16 -8.48
N LEU D 130 -9.48 -25.07 -9.43
CA LEU D 130 -9.73 -25.59 -10.77
C LEU D 130 -9.94 -27.10 -10.74
N TYR D 131 -9.15 -27.81 -9.93
CA TYR D 131 -9.37 -29.26 -9.78
C TYR D 131 -10.74 -29.55 -9.19
N SER D 132 -11.16 -28.76 -8.19
CA SER D 132 -12.47 -28.95 -7.60
C SER D 132 -13.60 -28.59 -8.56
N LEU D 133 -13.31 -27.76 -9.58
CA LEU D 133 -14.33 -27.42 -10.56
C LEU D 133 -14.76 -28.62 -11.39
N GLU D 134 -13.90 -29.64 -11.50
CA GLU D 134 -14.24 -30.82 -12.28
C GLU D 134 -15.54 -31.46 -11.79
N SER D 135 -15.81 -31.38 -10.49
CA SER D 135 -17.07 -31.91 -9.96
C SER D 135 -18.26 -31.10 -10.45
N MET D 136 -18.12 -29.78 -10.55
CA MET D 136 -19.25 -28.94 -10.91
C MET D 136 -19.63 -29.09 -12.37
N PHE D 137 -18.64 -29.12 -13.26
CA PHE D 137 -18.94 -29.23 -14.68
C PHE D 137 -19.61 -30.56 -15.02
N CYS D 138 -19.25 -31.63 -14.31
CA CYS D 138 -19.93 -32.90 -14.51
C CYS D 138 -21.37 -32.87 -14.01
N SER D 139 -21.72 -31.89 -13.17
CA SER D 139 -23.08 -31.73 -12.70
C SER D 139 -23.78 -30.51 -13.29
N HIS D 140 -23.08 -29.67 -14.05
CA HIS D 140 -23.64 -28.48 -14.67
C HIS D 140 -23.33 -28.51 -16.16
N PRO D 141 -24.05 -29.32 -16.93
CA PRO D 141 -23.78 -29.41 -18.37
C PRO D 141 -23.96 -28.10 -19.10
N SER D 142 -24.92 -27.26 -18.66
CA SER D 142 -25.18 -25.98 -19.32
C SER D 142 -24.09 -24.95 -19.05
N LEU D 143 -23.16 -25.23 -18.14
CA LEU D 143 -22.06 -24.31 -17.85
C LEU D 143 -21.11 -24.31 -19.03
N CYS D 144 -21.24 -23.29 -19.89
CA CYS D 144 -20.51 -23.24 -21.15
C CYS D 144 -19.39 -22.21 -21.16
N LEU D 145 -19.59 -21.06 -20.51
CA LEU D 145 -18.65 -19.96 -20.58
C LEU D 145 -17.93 -19.81 -19.26
N LEU D 146 -16.61 -19.65 -19.33
CA LEU D 146 -15.76 -19.58 -18.15
C LEU D 146 -14.97 -18.28 -18.16
N ILE D 147 -14.94 -17.59 -17.03
CA ILE D 147 -14.23 -16.33 -16.88
C ILE D 147 -13.14 -16.52 -15.85
N LEU D 148 -11.96 -15.98 -16.14
CA LEU D 148 -10.81 -16.07 -15.26
C LEU D 148 -10.13 -14.71 -15.12
N ASP D 149 -10.92 -13.69 -14.83
CA ASP D 149 -10.40 -12.35 -14.58
C ASP D 149 -9.92 -12.26 -13.14
N SER D 150 -8.61 -12.10 -12.96
CA SER D 150 -7.61 -12.03 -14.03
C SER D 150 -6.47 -13.02 -13.77
N LEU D 151 -5.93 -13.59 -14.85
CA LEU D 151 -4.82 -14.52 -14.72
C LEU D 151 -3.52 -13.84 -14.29
N SER D 152 -3.43 -12.52 -14.45
CA SER D 152 -2.23 -11.77 -14.12
C SER D 152 -2.23 -11.25 -12.69
N ALA D 153 -3.24 -11.61 -11.90
CA ALA D 153 -3.33 -11.11 -10.54
C ALA D 153 -2.17 -11.59 -9.68
N PHE D 154 -1.75 -12.84 -9.85
CA PHE D 154 -0.73 -13.46 -9.01
C PHE D 154 0.62 -13.56 -9.71
N TYR D 155 0.84 -12.79 -10.78
CA TYR D 155 2.09 -12.91 -11.52
C TYR D 155 3.28 -12.51 -10.66
N TRP D 156 3.21 -11.35 -10.01
CA TRP D 156 4.34 -10.87 -9.22
C TRP D 156 4.53 -11.69 -7.96
N ILE D 157 3.45 -12.20 -7.37
CA ILE D 157 3.58 -13.08 -6.22
C ILE D 157 4.31 -14.36 -6.61
N ASP D 158 3.95 -14.95 -7.75
CA ASP D 158 4.56 -16.20 -8.17
C ASP D 158 5.98 -15.97 -8.68
N ARG D 159 6.22 -14.87 -9.38
CA ARG D 159 7.54 -14.65 -9.96
C ARG D 159 8.61 -14.48 -8.89
N VAL D 160 8.32 -13.68 -7.86
CA VAL D 160 9.31 -13.47 -6.80
C VAL D 160 9.48 -14.73 -5.96
N ASN D 161 8.38 -15.43 -5.67
CA ASN D 161 8.48 -16.68 -4.92
C ASN D 161 9.26 -17.75 -5.68
N GLY D 162 9.33 -17.64 -7.01
CA GLY D 162 10.09 -18.60 -7.79
C GLY D 162 11.57 -18.31 -7.89
N GLY D 163 12.02 -17.17 -7.37
CA GLY D 163 13.43 -16.84 -7.44
C GLY D 163 13.85 -16.50 -8.85
N GLU D 164 15.03 -16.98 -9.23
CA GLU D 164 15.55 -16.75 -10.57
C GLU D 164 15.19 -17.86 -11.55
N SER D 165 14.71 -19.00 -11.05
CA SER D 165 14.34 -20.10 -11.93
C SER D 165 12.98 -19.82 -12.54
N VAL D 166 12.93 -19.78 -13.88
CA VAL D 166 11.67 -19.49 -14.57
C VAL D 166 10.65 -20.60 -14.32
N ASN D 167 11.11 -21.85 -14.22
CA ASN D 167 10.20 -22.96 -13.96
C ASN D 167 9.48 -22.76 -12.63
N LEU D 168 10.21 -22.37 -11.59
CA LEU D 168 9.60 -22.19 -10.28
C LEU D 168 8.61 -21.03 -10.28
N GLN D 169 8.93 -19.94 -10.99
CA GLN D 169 8.04 -18.80 -11.03
C GLN D 169 6.71 -19.17 -11.68
N GLU D 170 6.75 -19.92 -12.78
CA GLU D 170 5.57 -20.28 -13.53
C GLU D 170 5.07 -21.68 -13.20
N SER D 171 5.59 -22.32 -12.15
CA SER D 171 5.19 -23.67 -11.83
C SER D 171 3.71 -23.75 -11.50
N THR D 172 3.22 -22.83 -10.67
CA THR D 172 1.81 -22.85 -10.30
C THR D 172 0.92 -22.44 -11.46
N LEU D 173 1.34 -21.42 -12.23
CA LEU D 173 0.54 -20.96 -13.35
C LEU D 173 0.47 -22.01 -14.45
N ARG D 174 1.59 -22.68 -14.72
CA ARG D 174 1.60 -23.71 -15.76
C ARG D 174 0.68 -24.86 -15.39
N LYS D 175 0.68 -25.27 -14.12
CA LYS D 175 -0.23 -26.32 -13.68
C LYS D 175 -1.69 -25.87 -13.81
N CYS D 176 -1.96 -24.59 -13.54
CA CYS D 176 -3.30 -24.06 -13.78
C CYS D 176 -3.64 -24.12 -15.27
N SER D 177 -2.72 -23.73 -16.13
CA SER D 177 -2.98 -23.70 -17.57
C SER D 177 -3.26 -25.10 -18.09
N GLN D 178 -2.48 -26.09 -17.65
CA GLN D 178 -2.74 -27.47 -18.05
C GLN D 178 -4.09 -27.94 -17.52
N CYS D 179 -4.43 -27.57 -16.28
CA CYS D 179 -5.74 -27.88 -15.75
C CYS D 179 -6.82 -27.14 -16.53
N LEU D 180 -6.57 -25.88 -16.89
CA LEU D 180 -7.52 -25.12 -17.70
C LEU D 180 -7.74 -25.79 -19.05
N GLU D 181 -6.66 -26.18 -19.72
CA GLU D 181 -6.78 -26.84 -21.01
C GLU D 181 -7.55 -28.14 -20.89
N LYS D 182 -7.31 -28.90 -19.81
CA LYS D 182 -8.11 -30.08 -19.56
C LYS D 182 -9.57 -29.73 -19.31
N LEU D 183 -9.82 -28.68 -18.52
CA LEU D 183 -11.19 -28.28 -18.23
C LEU D 183 -11.91 -27.81 -19.49
N VAL D 184 -11.23 -27.02 -20.32
CA VAL D 184 -11.88 -26.48 -21.51
C VAL D 184 -12.15 -27.58 -22.52
N ASN D 185 -11.17 -28.44 -22.77
CA ASN D 185 -11.30 -29.45 -23.81
C ASN D 185 -12.16 -30.64 -23.41
N ASP D 186 -12.43 -30.82 -22.11
CA ASP D 186 -13.27 -31.93 -21.68
C ASP D 186 -14.75 -31.57 -21.69
N TYR D 187 -15.10 -30.35 -21.28
CA TYR D 187 -16.50 -29.93 -21.20
C TYR D 187 -16.85 -28.91 -22.29
N ARG D 188 -16.01 -28.77 -23.31
CA ARG D 188 -16.26 -27.87 -24.44
C ARG D 188 -16.49 -26.44 -23.96
N LEU D 189 -15.66 -25.99 -23.02
CA LEU D 189 -15.83 -24.68 -22.42
C LEU D 189 -15.27 -23.60 -23.32
N VAL D 190 -15.59 -22.35 -22.97
CA VAL D 190 -14.97 -21.17 -23.58
C VAL D 190 -14.37 -20.36 -22.45
N LEU D 191 -13.05 -20.22 -22.45
CA LEU D 191 -12.33 -19.56 -21.38
C LEU D 191 -11.98 -18.14 -21.80
N PHE D 192 -12.68 -17.17 -21.24
CA PHE D 192 -12.39 -15.75 -21.46
C PHE D 192 -11.46 -15.19 -20.38
N ALA D 193 -10.33 -15.85 -20.18
CA ALA D 193 -9.37 -15.37 -19.19
C ALA D 193 -8.80 -14.03 -19.61
N THR D 194 -8.71 -13.11 -18.67
CA THR D 194 -8.24 -11.76 -18.93
C THR D 194 -6.91 -11.53 -18.23
N THR D 195 -6.04 -10.75 -18.86
CA THR D 195 -4.75 -10.40 -18.29
C THR D 195 -4.54 -8.89 -18.40
N GLN D 196 -3.71 -8.37 -17.51
CA GLN D 196 -3.49 -6.94 -17.40
C GLN D 196 -2.13 -6.57 -18.00
N THR D 197 -2.08 -5.43 -18.69
CA THR D 197 -0.83 -4.93 -19.26
C THR D 197 0.02 -4.38 -18.12
N ILE D 198 0.70 -5.29 -17.42
CA ILE D 198 1.47 -4.92 -16.24
C ILE D 198 2.93 -4.60 -16.56
N MET D 199 3.36 -4.79 -17.80
CA MET D 199 4.71 -4.46 -18.19
C MET D 199 4.70 -3.69 -19.51
N GLN D 200 5.75 -2.90 -19.72
CA GLN D 200 5.79 -1.92 -20.79
C GLN D 200 5.91 -2.62 -22.14
N LYS D 201 5.95 -1.80 -23.20
CA LYS D 201 5.95 -2.28 -24.56
C LYS D 201 7.25 -3.02 -24.87
N ALA D 202 7.19 -3.89 -25.88
CA ALA D 202 8.35 -4.66 -26.32
C ALA D 202 9.33 -3.77 -27.09
N ILE D 221 -1.17 -1.78 -30.81
CA ILE D 221 -1.15 -3.13 -30.24
C ILE D 221 -0.01 -3.25 -29.25
N ASP D 222 -0.21 -2.70 -28.05
CA ASP D 222 0.79 -2.75 -26.99
C ASP D 222 0.58 -4.04 -26.21
N TYR D 223 1.42 -5.03 -26.49
CA TYR D 223 1.31 -6.34 -25.84
C TYR D 223 2.70 -6.91 -25.60
N ARG D 224 3.07 -7.08 -24.34
CA ARG D 224 4.31 -7.76 -23.96
C ARG D 224 3.95 -9.02 -23.20
N PRO D 225 4.03 -10.20 -23.82
CA PRO D 225 3.66 -11.42 -23.11
C PRO D 225 4.57 -11.67 -21.91
N TYR D 226 3.96 -12.06 -20.80
CA TYR D 226 4.71 -12.34 -19.59
C TYR D 226 4.29 -13.62 -18.87
N LEU D 227 3.18 -14.25 -19.24
CA LEU D 227 2.75 -15.47 -18.61
C LEU D 227 3.52 -16.66 -19.18
N CYS D 228 3.31 -17.82 -18.56
CA CYS D 228 4.02 -19.02 -18.97
C CYS D 228 3.66 -19.41 -20.40
N LYS D 229 4.63 -19.99 -21.10
CA LYS D 229 4.38 -20.47 -22.45
C LYS D 229 3.31 -21.55 -22.50
N ALA D 230 3.06 -22.22 -21.37
CA ALA D 230 1.94 -23.16 -21.32
C ALA D 230 0.61 -22.45 -21.53
N TRP D 231 0.47 -21.25 -20.96
CA TRP D 231 -0.75 -20.48 -21.17
C TRP D 231 -0.80 -19.88 -22.57
N GLN D 232 0.35 -19.45 -23.10
CA GLN D 232 0.37 -18.79 -24.40
C GLN D 232 -0.12 -19.72 -25.51
N GLN D 233 0.27 -20.99 -25.45
CA GLN D 233 -0.14 -21.94 -26.48
C GLN D 233 -1.64 -22.16 -26.50
N LEU D 234 -2.34 -21.88 -25.40
CA LEU D 234 -3.77 -22.13 -25.33
C LEU D 234 -4.59 -21.01 -25.96
N VAL D 235 -4.03 -19.80 -26.03
CA VAL D 235 -4.79 -18.66 -26.50
C VAL D 235 -5.00 -18.77 -28.01
N LYS D 236 -6.26 -18.68 -28.44
CA LYS D 236 -6.62 -18.69 -29.85
C LYS D 236 -6.97 -17.31 -30.38
N HIS D 237 -7.70 -16.51 -29.61
CA HIS D 237 -7.99 -15.13 -29.97
C HIS D 237 -7.63 -14.24 -28.79
N ARG D 238 -6.61 -13.42 -28.94
CA ARG D 238 -6.23 -12.45 -27.94
C ARG D 238 -6.70 -11.07 -28.38
N MET D 239 -7.49 -10.42 -27.52
CA MET D 239 -8.13 -9.14 -27.84
C MET D 239 -7.57 -8.07 -26.94
N PHE D 240 -7.08 -6.98 -27.54
CA PHE D 240 -6.41 -5.91 -26.80
C PHE D 240 -7.38 -4.75 -26.62
N PHE D 241 -7.60 -4.36 -25.37
CA PHE D 241 -8.51 -3.27 -25.04
C PHE D 241 -7.73 -1.98 -24.88
N SER D 242 -8.17 -0.93 -25.57
CA SER D 242 -7.55 0.38 -25.47
C SER D 242 -8.62 1.43 -25.31
N LYS D 243 -8.30 2.46 -24.53
CA LYS D 243 -9.22 3.55 -24.24
C LYS D 243 -8.81 4.79 -25.03
N GLN D 244 -9.75 5.33 -25.79
CA GLN D 244 -9.51 6.55 -26.56
C GLN D 244 -9.87 7.75 -25.71
N ASP D 245 -8.92 8.67 -25.56
CA ASP D 245 -9.13 9.87 -24.75
C ASP D 245 -9.66 11.02 -25.59
N SER D 250 -13.79 9.62 -25.11
CA SER D 250 -13.84 9.44 -23.67
C SER D 250 -14.50 8.11 -23.30
N ASN D 251 -15.75 7.94 -23.72
CA ASN D 251 -16.51 6.73 -23.45
C ASN D 251 -16.41 5.71 -24.57
N GLN D 252 -15.63 5.98 -25.61
CA GLN D 252 -15.50 5.07 -26.74
C GLN D 252 -14.25 4.22 -26.57
N PHE D 253 -14.41 2.91 -26.70
CA PHE D 253 -13.32 1.96 -26.49
C PHE D 253 -13.04 1.22 -27.79
N SER D 254 -11.78 0.90 -28.03
CA SER D 254 -11.35 0.15 -29.20
C SER D 254 -10.82 -1.21 -28.77
N LEU D 255 -11.17 -2.24 -29.54
CA LEU D 255 -10.83 -3.62 -29.21
C LEU D 255 -10.24 -4.29 -30.45
N VAL D 256 -8.95 -4.61 -30.40
CA VAL D 256 -8.25 -5.24 -31.51
C VAL D 256 -8.12 -6.72 -31.21
N SER D 257 -8.77 -7.55 -32.03
CA SER D 257 -8.81 -8.99 -31.83
C SER D 257 -8.01 -9.68 -32.93
N ARG D 258 -7.13 -10.60 -32.54
CA ARG D 258 -6.32 -11.35 -33.49
C ARG D 258 -6.49 -12.83 -33.26
N CYS D 259 -6.75 -13.58 -34.33
CA CYS D 259 -6.83 -15.03 -34.28
C CYS D 259 -5.43 -15.59 -34.51
N LEU D 260 -4.82 -16.10 -33.44
CA LEU D 260 -3.42 -16.52 -33.52
C LEU D 260 -3.19 -17.66 -34.50
N LYS D 261 -4.23 -18.44 -34.81
CA LYS D 261 -4.07 -19.49 -35.81
C LYS D 261 -3.80 -18.90 -37.19
N SER D 262 -4.46 -17.81 -37.53
CA SER D 262 -4.30 -17.16 -38.82
C SER D 262 -3.60 -15.81 -38.76
N ASN D 263 -3.42 -15.26 -37.55
CA ASN D 263 -2.76 -13.96 -37.36
C ASN D 263 -3.47 -12.86 -38.16
N SER D 264 -4.79 -12.81 -38.02
CA SER D 264 -5.61 -11.80 -38.67
C SER D 264 -6.07 -10.78 -37.65
N LEU D 265 -5.81 -9.51 -37.92
CA LEU D 265 -6.10 -8.41 -37.01
C LEU D 265 -7.34 -7.65 -37.48
N LYS D 266 -8.31 -7.49 -36.61
CA LYS D 266 -9.51 -6.71 -36.88
C LYS D 266 -9.79 -5.80 -35.70
N LYS D 267 -10.15 -4.55 -36.00
CA LYS D 267 -10.38 -3.54 -34.97
C LYS D 267 -11.87 -3.40 -34.71
N HIS D 268 -12.26 -3.48 -33.44
CA HIS D 268 -13.64 -3.32 -33.03
C HIS D 268 -13.76 -2.13 -32.09
N PHE D 269 -14.79 -1.31 -32.32
CA PHE D 269 -15.06 -0.14 -31.50
C PHE D 269 -16.35 -0.35 -30.73
N PHE D 270 -16.30 -0.17 -29.42
CA PHE D 270 -17.48 -0.33 -28.58
C PHE D 270 -17.51 0.75 -27.52
N ILE D 271 -18.72 1.15 -27.14
CA ILE D 271 -18.94 2.13 -26.09
C ILE D 271 -19.56 1.43 -24.90
N ILE D 272 -19.18 1.87 -23.71
CA ILE D 272 -19.67 1.29 -22.47
C ILE D 272 -20.66 2.27 -21.86
N GLY D 273 -21.95 1.93 -21.89
CA GLY D 273 -22.98 2.71 -21.29
C GLY D 273 -23.58 2.04 -20.08
N GLU D 274 -24.82 2.43 -19.75
CA GLU D 274 -25.51 1.79 -18.64
C GLU D 274 -25.95 0.38 -18.98
N SER D 275 -26.26 0.13 -20.26
CA SER D 275 -26.69 -1.19 -20.69
C SER D 275 -25.55 -2.19 -20.81
N GLY D 276 -24.31 -1.74 -20.64
CA GLY D 276 -23.18 -2.64 -20.78
C GLY D 276 -22.24 -2.24 -21.90
N VAL D 277 -22.19 -3.05 -22.96
CA VAL D 277 -21.29 -2.82 -24.08
C VAL D 277 -22.11 -2.74 -25.36
N GLU D 278 -21.92 -1.67 -26.13
CA GLU D 278 -22.54 -1.50 -27.43
C GLU D 278 -21.43 -1.24 -28.44
N PHE D 279 -21.45 -1.95 -29.56
CA PHE D 279 -20.37 -1.92 -30.53
C PHE D 279 -20.67 -0.90 -31.62
N CYS D 280 -19.70 -0.05 -31.93
CA CYS D 280 -19.86 1.01 -32.92
C CYS D 280 -19.11 0.68 -34.21
#